data_7AVU
#
_entry.id   7AVU
#
_cell.length_a   84.48
_cell.length_b   39.629
_cell.length_c   175.413
_cell.angle_alpha   90
_cell.angle_beta   90.02
_cell.angle_gamma   90
#
_symmetry.space_group_name_H-M   'P 1 21 1'
#
loop_
_entity.id
_entity.type
_entity.pdbx_description
1 polymer 'Son of sevenless homolog 1'
2 non-polymer IMIDAZOLE
3 non-polymer ~{N}-[(1~{R})-1-[3-azanyl-5-(trifluoromethyl)phenyl]ethyl]-6,7-dimethoxy-2-methyl-quinazolin-4-amine
4 water water
#
_entity_poly.entity_id   1
_entity_poly.type   'polypeptide(L)'
_entity_poly.pdbx_seq_one_letter_code
;GEEQMRLPSADVYRFAEPDSEENIIFEENMQPKAGIPIIKAGTVIKLIERLTYHMYADPNFVRTFLTTYRSFCKPQELLS
LIIERFEIPEPEPTEADRIAIENGDQPLSAELKRFRKEYIQPVQLRVLNVCRHWVEHHFYDFERDAYLLQRMEEFIGTVR
GKAMKKWVESITKIIQRKKIARDNGPGHNITFQSSPPTVEWHISRPGHIETFDLLTLHPIEIARQLTLLESDLYRAVQPS
ELVGSVWTKEDKEINSPNLLKMIRHTTNLTLWFEKCIVETENLEERVAVVSRIIEILQVFQELNNFNGVLEVVSAMNSSP
VYRLDHTFEQIPSRQKKILEEAHELSEDHYKKYLAKLRSINPPCVPFFGIYLTNILKTEEGNPEVLKRHGKELINFSKRR
KVAEITGEIQQYQNQPYCLRVESDIKRFFENLNPMGNSMEKEFTDYLFNKSLEIEPRNPKPLPRFPKKYSYPLKSPGVRP
SNPRPGT
;
_entity_poly.pdbx_strand_id   A,B
#
# COMPACT_ATOMS: atom_id res chain seq x y z
N GLY A 1 -22.25 27.27 -3.02
CA GLY A 1 -22.26 28.27 -4.07
C GLY A 1 -23.28 27.97 -5.16
N GLU A 2 -23.44 28.94 -6.10
CA GLU A 2 -24.35 28.86 -7.26
C GLU A 2 -24.31 27.49 -7.97
N GLU A 3 -23.13 26.87 -8.02
CA GLU A 3 -22.89 25.60 -8.69
C GLU A 3 -23.70 24.44 -8.07
N GLN A 4 -23.83 24.40 -6.73
CA GLN A 4 -24.59 23.35 -6.04
C GLN A 4 -26.06 23.73 -5.87
N MET A 5 -26.35 25.03 -5.69
CA MET A 5 -27.72 25.50 -5.53
C MET A 5 -28.59 25.23 -6.77
N ARG A 6 -27.97 25.16 -7.96
CA ARG A 6 -28.67 24.85 -9.22
C ARG A 6 -29.13 23.38 -9.23
N LEU A 7 -28.30 22.47 -8.69
CA LEU A 7 -28.61 21.04 -8.68
C LEU A 7 -29.73 20.70 -7.67
N PRO A 8 -30.45 19.55 -7.84
CA PRO A 8 -31.53 19.24 -6.89
C PRO A 8 -31.08 19.05 -5.45
N SER A 9 -32.03 19.07 -4.52
CA SER A 9 -31.76 18.90 -3.11
C SER A 9 -31.67 17.41 -2.73
N ALA A 10 -30.87 17.09 -1.71
CA ALA A 10 -30.68 15.71 -1.24
C ALA A 10 -31.96 15.08 -0.69
N ASP A 11 -32.91 15.88 -0.21
CA ASP A 11 -34.17 15.36 0.33
C ASP A 11 -35.17 14.92 -0.77
N VAL A 12 -34.89 15.21 -2.06
CA VAL A 12 -35.75 14.83 -3.18
C VAL A 12 -34.98 14.07 -4.30
N TYR A 13 -33.64 13.91 -4.19
CA TYR A 13 -32.85 13.28 -5.25
C TYR A 13 -31.48 12.86 -4.70
N ARG A 14 -31.12 11.58 -4.87
CA ARG A 14 -29.87 11.04 -4.31
C ARG A 14 -28.62 11.21 -5.17
N PHE A 15 -28.75 11.56 -6.44
CA PHE A 15 -27.60 11.62 -7.36
C PHE A 15 -27.06 13.03 -7.57
N ALA A 16 -27.28 13.96 -6.62
CA ALA A 16 -26.81 15.34 -6.77
C ALA A 16 -25.94 15.83 -5.61
N GLU A 17 -25.51 14.94 -4.70
CA GLU A 17 -24.63 15.35 -3.60
C GLU A 17 -23.23 15.70 -4.16
N PRO A 18 -22.46 16.64 -3.54
CA PRO A 18 -21.13 16.95 -4.10
C PRO A 18 -20.12 15.82 -3.92
N ASP A 19 -19.14 15.75 -4.84
CA ASP A 19 -18.07 14.76 -4.74
C ASP A 19 -17.23 15.05 -3.49
N SER A 20 -16.66 14.00 -2.90
CA SER A 20 -15.80 14.09 -1.73
C SER A 20 -14.86 12.88 -1.63
N GLU A 21 -13.85 12.96 -0.76
CA GLU A 21 -12.90 11.87 -0.56
C GLU A 21 -13.57 10.60 -0.01
N GLU A 22 -14.74 10.71 0.66
CA GLU A 22 -15.42 9.55 1.22
C GLU A 22 -16.58 9.02 0.35
N ASN A 23 -16.66 9.42 -0.94
CA ASN A 23 -17.67 8.87 -1.84
C ASN A 23 -17.15 8.58 -3.27
N ILE A 24 -16.00 9.15 -3.69
CA ILE A 24 -15.43 8.88 -5.02
C ILE A 24 -13.92 9.16 -5.03
N ILE A 25 -13.15 8.29 -5.73
CA ILE A 25 -11.69 8.43 -5.91
C ILE A 25 -11.38 8.26 -7.39
N PHE A 26 -10.33 8.95 -7.85
CA PHE A 26 -9.86 8.86 -9.23
C PHE A 26 -8.39 8.45 -9.27
N GLU A 27 -7.96 7.84 -10.38
CA GLU A 27 -6.61 7.32 -10.55
C GLU A 27 -5.56 8.43 -10.63
N GLY A 35 -9.29 16.25 -20.18
CA GLY A 35 -9.73 14.90 -20.51
C GLY A 35 -10.71 14.32 -19.50
N ILE A 36 -11.21 13.10 -19.78
CA ILE A 36 -12.15 12.41 -18.89
C ILE A 36 -11.34 11.70 -17.78
N PRO A 37 -11.67 11.94 -16.49
CA PRO A 37 -10.94 11.22 -15.42
C PRO A 37 -11.36 9.76 -15.31
N ILE A 38 -10.43 8.91 -14.84
CA ILE A 38 -10.68 7.48 -14.68
C ILE A 38 -11.06 7.23 -13.22
N ILE A 39 -12.20 6.57 -12.99
CA ILE A 39 -12.68 6.31 -11.63
C ILE A 39 -11.95 5.11 -11.00
N LYS A 40 -11.26 5.34 -9.87
CA LYS A 40 -10.58 4.29 -9.12
C LYS A 40 -11.57 3.57 -8.21
N ALA A 41 -12.43 4.33 -7.50
CA ALA A 41 -13.39 3.76 -6.57
C ALA A 41 -14.58 4.72 -6.33
N GLY A 42 -15.67 4.22 -5.77
CA GLY A 42 -16.83 5.03 -5.46
C GLY A 42 -17.99 4.22 -4.92
N THR A 43 -19.00 4.91 -4.37
CA THR A 43 -20.21 4.25 -3.86
C THR A 43 -21.09 3.88 -5.05
N VAL A 44 -22.08 2.97 -4.88
CA VAL A 44 -22.97 2.60 -6.01
C VAL A 44 -23.64 3.86 -6.62
N ILE A 45 -24.11 4.80 -5.76
CA ILE A 45 -24.77 6.04 -6.18
C ILE A 45 -23.84 6.94 -7.02
N LYS A 46 -22.59 7.13 -6.57
CA LYS A 46 -21.61 7.93 -7.32
C LYS A 46 -21.21 7.26 -8.64
N LEU A 47 -21.22 5.91 -8.70
CA LEU A 47 -20.91 5.17 -9.92
C LEU A 47 -22.07 5.31 -10.92
N ILE A 48 -23.31 5.27 -10.43
CA ILE A 48 -24.50 5.44 -11.28
C ILE A 48 -24.53 6.86 -11.83
N GLU A 49 -24.23 7.86 -10.96
CA GLU A 49 -24.19 9.27 -11.34
C GLU A 49 -23.17 9.51 -12.46
N ARG A 50 -21.98 8.93 -12.35
CA ARG A 50 -20.94 9.07 -13.37
C ARG A 50 -21.21 8.22 -14.60
N LEU A 51 -21.92 7.10 -14.44
CA LEU A 51 -22.35 6.26 -15.56
C LEU A 51 -23.33 7.04 -16.48
N THR A 52 -24.04 8.04 -15.92
CA THR A 52 -24.99 8.86 -16.63
C THR A 52 -24.71 10.36 -16.36
N TYR A 53 -23.42 10.77 -16.43
CA TYR A 53 -22.99 12.13 -16.13
C TYR A 53 -23.50 13.12 -17.18
N HIS A 54 -23.89 14.32 -16.76
CA HIS A 54 -24.43 15.34 -17.65
C HIS A 54 -23.40 16.09 -18.51
N MET A 55 -22.16 16.24 -18.04
N MET A 55 -22.16 16.25 -18.03
CA MET A 55 -21.14 17.02 -18.73
CA MET A 55 -21.14 17.02 -18.75
C MET A 55 -20.53 16.32 -19.95
C MET A 55 -20.54 16.32 -19.96
N TYR A 56 -20.49 14.99 -19.98
CA TYR A 56 -19.90 14.26 -21.10
C TYR A 56 -20.30 12.81 -21.14
N ALA A 57 -20.21 12.20 -22.34
CA ALA A 57 -20.45 10.77 -22.51
C ALA A 57 -19.15 10.05 -22.11
N ASP A 58 -19.24 8.78 -21.69
CA ASP A 58 -18.07 8.03 -21.24
C ASP A 58 -18.22 6.58 -21.68
N PRO A 59 -18.07 6.33 -22.99
CA PRO A 59 -18.27 4.95 -23.52
C PRO A 59 -17.47 3.86 -22.83
N ASN A 60 -16.21 4.19 -22.46
CA ASN A 60 -15.33 3.22 -21.82
C ASN A 60 -15.85 2.82 -20.44
N PHE A 61 -16.32 3.79 -19.65
CA PHE A 61 -16.85 3.48 -18.32
C PHE A 61 -18.15 2.70 -18.44
N VAL A 62 -19.02 3.07 -19.40
CA VAL A 62 -20.28 2.35 -19.60
C VAL A 62 -20.00 0.86 -19.96
N ARG A 63 -18.98 0.59 -20.80
CA ARG A 63 -18.61 -0.77 -21.20
C ARG A 63 -18.19 -1.60 -19.98
N THR A 64 -17.27 -1.06 -19.20
CA THR A 64 -16.69 -1.72 -18.03
C THR A 64 -17.73 -1.92 -16.93
N PHE A 65 -18.59 -0.90 -16.71
CA PHE A 65 -19.65 -0.98 -15.71
C PHE A 65 -20.64 -2.11 -16.04
N LEU A 66 -21.13 -2.18 -17.28
CA LEU A 66 -22.11 -3.20 -17.66
C LEU A 66 -21.50 -4.60 -17.78
N THR A 67 -20.18 -4.73 -17.90
CA THR A 67 -19.52 -6.04 -17.91
C THR A 67 -19.34 -6.57 -16.48
N THR A 68 -19.01 -5.67 -15.54
CA THR A 68 -18.63 -6.00 -14.17
C THR A 68 -19.61 -5.66 -13.02
N TYR A 69 -20.70 -4.94 -13.28
CA TYR A 69 -21.61 -4.49 -12.22
C TYR A 69 -22.16 -5.61 -11.32
N ARG A 70 -22.40 -6.80 -11.88
CA ARG A 70 -22.99 -7.91 -11.13
C ARG A 70 -22.15 -8.33 -9.90
N SER A 71 -20.83 -8.00 -9.88
CA SER A 71 -19.96 -8.26 -8.74
C SER A 71 -20.23 -7.34 -7.52
N PHE A 72 -20.99 -6.24 -7.71
CA PHE A 72 -21.30 -5.32 -6.63
C PHE A 72 -22.77 -4.82 -6.63
N CYS A 73 -23.60 -5.28 -7.58
CA CYS A 73 -24.96 -4.79 -7.74
C CYS A 73 -25.80 -5.81 -8.52
N LYS A 74 -27.02 -6.13 -8.06
CA LYS A 74 -27.88 -7.08 -8.77
C LYS A 74 -28.56 -6.42 -9.99
N PRO A 75 -28.91 -7.15 -11.07
CA PRO A 75 -29.59 -6.52 -12.21
C PRO A 75 -30.87 -5.75 -11.87
N GLN A 76 -31.70 -6.31 -10.98
CA GLN A 76 -32.95 -5.66 -10.57
C GLN A 76 -32.65 -4.33 -9.87
N GLU A 77 -31.61 -4.31 -9.03
CA GLU A 77 -31.18 -3.12 -8.30
C GLU A 77 -30.65 -2.05 -9.25
N LEU A 78 -29.82 -2.44 -10.25
CA LEU A 78 -29.29 -1.50 -11.25
C LEU A 78 -30.44 -0.84 -12.01
N LEU A 79 -31.44 -1.63 -12.42
CA LEU A 79 -32.59 -1.09 -13.13
C LEU A 79 -33.35 -0.08 -12.26
N SER A 80 -33.54 -0.38 -10.97
CA SER A 80 -34.19 0.55 -10.06
C SER A 80 -33.41 1.87 -9.92
N LEU A 81 -32.07 1.78 -9.80
CA LEU A 81 -31.21 2.95 -9.66
C LEU A 81 -31.22 3.89 -10.88
N ILE A 82 -31.13 3.34 -12.11
CA ILE A 82 -31.10 4.18 -13.31
C ILE A 82 -32.46 4.81 -13.60
N ILE A 83 -33.56 4.15 -13.19
CA ILE A 83 -34.91 4.73 -13.32
C ILE A 83 -35.00 5.93 -12.35
N GLU A 84 -34.50 5.75 -11.11
CA GLU A 84 -34.46 6.79 -10.07
C GLU A 84 -33.64 7.99 -10.56
N ARG A 85 -32.50 7.73 -11.22
CA ARG A 85 -31.63 8.78 -11.79
C ARG A 85 -32.35 9.56 -12.90
N PHE A 86 -33.16 8.86 -13.71
CA PHE A 86 -33.91 9.46 -14.81
C PHE A 86 -34.97 10.45 -14.29
N GLU A 87 -35.60 10.11 -13.15
CA GLU A 87 -36.65 10.94 -12.54
C GLU A 87 -36.06 12.09 -11.73
N ILE A 88 -35.69 13.19 -12.41
CA ILE A 88 -35.09 14.36 -11.81
C ILE A 88 -36.16 15.40 -11.47
N PRO A 89 -36.24 15.88 -10.20
CA PRO A 89 -37.24 16.92 -9.88
C PRO A 89 -36.83 18.28 -10.42
N GLU A 90 -37.81 19.02 -10.96
CA GLU A 90 -37.56 20.35 -11.50
C GLU A 90 -37.64 21.39 -10.37
N PRO A 91 -36.85 22.47 -10.45
CA PRO A 91 -36.92 23.50 -9.39
C PRO A 91 -38.23 24.27 -9.39
N GLU A 92 -38.55 24.88 -8.24
CA GLU A 92 -39.73 25.72 -8.10
C GLU A 92 -39.53 27.00 -8.91
N PRO A 93 -40.60 27.67 -9.36
CA PRO A 93 -40.41 28.95 -10.08
C PRO A 93 -39.90 30.04 -9.17
N THR A 94 -39.18 31.01 -9.73
CA THR A 94 -38.69 32.15 -8.94
C THR A 94 -39.89 32.96 -8.42
N GLU A 95 -39.68 33.81 -7.41
CA GLU A 95 -40.76 34.61 -6.83
C GLU A 95 -41.51 35.44 -7.90
N ALA A 96 -40.77 36.05 -8.83
CA ALA A 96 -41.37 36.84 -9.89
C ALA A 96 -42.25 35.96 -10.80
N ASP A 97 -41.76 34.77 -11.16
CA ASP A 97 -42.49 33.82 -11.99
C ASP A 97 -43.73 33.23 -11.29
N ARG A 98 -43.71 33.08 -9.95
CA ARG A 98 -44.90 32.58 -9.26
C ARG A 98 -45.97 33.69 -9.23
N ILE A 99 -45.57 34.98 -9.15
CA ILE A 99 -46.51 36.10 -9.27
C ILE A 99 -47.12 36.07 -10.68
N ALA A 100 -46.29 35.86 -11.70
CA ALA A 100 -46.72 35.78 -13.09
C ALA A 100 -47.73 34.62 -13.31
N ILE A 101 -47.43 33.42 -12.78
CA ILE A 101 -48.29 32.23 -12.91
C ILE A 101 -49.61 32.46 -12.19
N GLU A 102 -49.57 32.98 -10.94
CA GLU A 102 -50.80 33.22 -10.17
C GLU A 102 -51.74 34.27 -10.83
N ASN A 103 -51.23 35.02 -11.84
CA ASN A 103 -51.97 36.02 -12.59
C ASN A 103 -52.39 35.50 -14.01
N GLY A 104 -52.24 34.20 -14.27
CA GLY A 104 -52.59 33.62 -15.57
C GLY A 104 -51.61 33.89 -16.69
N ASP A 105 -50.46 34.52 -16.38
CA ASP A 105 -49.45 34.85 -17.39
C ASP A 105 -48.39 33.77 -17.49
N GLN A 106 -47.70 33.74 -18.63
CA GLN A 106 -46.63 32.79 -18.88
C GLN A 106 -45.37 33.25 -18.13
N PRO A 107 -44.76 32.37 -17.33
CA PRO A 107 -43.52 32.78 -16.63
C PRO A 107 -42.32 32.82 -17.56
N LEU A 108 -41.25 33.51 -17.15
CA LEU A 108 -40.02 33.57 -17.94
C LEU A 108 -39.35 32.19 -17.86
N SER A 109 -39.24 31.64 -16.63
CA SER A 109 -38.67 30.31 -16.36
C SER A 109 -37.30 30.13 -17.01
N ALA A 110 -36.42 31.13 -16.82
CA ALA A 110 -35.09 31.13 -17.41
C ALA A 110 -34.18 30.03 -16.84
N GLU A 111 -34.15 29.88 -15.50
CA GLU A 111 -33.32 28.85 -14.86
C GLU A 111 -33.90 27.46 -15.10
N LEU A 112 -35.23 27.34 -15.06
CA LEU A 112 -35.90 26.06 -15.29
C LEU A 112 -35.59 25.54 -16.70
N LYS A 113 -35.69 26.41 -17.72
CA LYS A 113 -35.36 26.04 -19.10
C LYS A 113 -33.90 25.65 -19.23
N ARG A 114 -33.00 26.34 -18.50
CA ARG A 114 -31.58 26.01 -18.54
C ARG A 114 -31.30 24.65 -17.86
N PHE A 115 -31.89 24.41 -16.69
CA PHE A 115 -31.74 23.17 -15.94
C PHE A 115 -32.23 21.97 -16.77
N ARG A 116 -33.28 22.17 -17.58
CA ARG A 116 -33.81 21.13 -18.45
C ARG A 116 -32.83 20.84 -19.59
N LYS A 117 -32.28 21.89 -20.20
CA LYS A 117 -31.40 21.74 -21.35
C LYS A 117 -29.99 21.22 -20.98
N GLU A 118 -29.41 21.77 -19.90
CA GLU A 118 -28.04 21.46 -19.47
C GLU A 118 -27.90 20.34 -18.43
N TYR A 119 -29.00 19.89 -17.77
CA TYR A 119 -28.92 18.81 -16.77
C TYR A 119 -29.96 17.67 -17.01
N ILE A 120 -31.27 17.97 -17.05
CA ILE A 120 -32.28 16.90 -17.19
C ILE A 120 -32.17 16.15 -18.52
N GLN A 121 -32.17 16.89 -19.63
CA GLN A 121 -32.15 16.25 -20.95
C GLN A 121 -30.87 15.40 -21.15
N PRO A 122 -29.65 15.91 -20.84
CA PRO A 122 -28.45 15.07 -20.99
C PRO A 122 -28.44 13.81 -20.10
N VAL A 123 -28.84 13.93 -18.82
CA VAL A 123 -28.86 12.79 -17.90
C VAL A 123 -29.87 11.74 -18.37
N GLN A 124 -31.07 12.17 -18.77
CA GLN A 124 -32.11 11.24 -19.24
C GLN A 124 -31.65 10.51 -20.52
N LEU A 125 -30.94 11.22 -21.42
CA LEU A 125 -30.40 10.61 -22.64
C LEU A 125 -29.25 9.64 -22.29
N ARG A 126 -28.46 9.94 -21.24
CA ARG A 126 -27.39 9.05 -20.81
C ARG A 126 -27.98 7.78 -20.21
N VAL A 127 -29.11 7.87 -19.48
CA VAL A 127 -29.79 6.71 -18.89
C VAL A 127 -30.31 5.80 -20.01
N LEU A 128 -30.85 6.38 -21.08
CA LEU A 128 -31.35 5.60 -22.21
C LEU A 128 -30.19 4.93 -22.98
N ASN A 129 -29.00 5.56 -23.01
CA ASN A 129 -27.81 4.99 -23.63
C ASN A 129 -27.35 3.75 -22.85
N VAL A 130 -27.43 3.80 -21.52
CA VAL A 130 -27.10 2.67 -20.64
C VAL A 130 -28.08 1.52 -20.94
N CYS A 131 -29.38 1.81 -21.09
CA CYS A 131 -30.40 0.81 -21.41
C CYS A 131 -30.10 0.16 -22.77
N ARG A 132 -29.69 0.96 -23.76
CA ARG A 132 -29.38 0.50 -25.11
C ARG A 132 -28.16 -0.43 -25.12
N HIS A 133 -27.09 -0.06 -24.41
CA HIS A 133 -25.89 -0.91 -24.34
C HIS A 133 -26.19 -2.19 -23.53
N TRP A 134 -27.05 -2.08 -22.49
CA TRP A 134 -27.44 -3.20 -21.62
C TRP A 134 -28.12 -4.31 -22.45
N VAL A 135 -29.11 -3.96 -23.29
CA VAL A 135 -29.83 -4.95 -24.09
C VAL A 135 -29.04 -5.41 -25.33
N GLU A 136 -28.14 -4.57 -25.86
CA GLU A 136 -27.36 -4.93 -27.05
C GLU A 136 -26.24 -5.92 -26.69
N HIS A 137 -25.46 -5.64 -25.63
CA HIS A 137 -24.31 -6.47 -25.29
C HIS A 137 -24.51 -7.42 -24.10
N HIS A 138 -25.60 -7.28 -23.32
CA HIS A 138 -25.86 -8.15 -22.15
C HIS A 138 -27.33 -8.60 -22.06
N PHE A 139 -27.94 -8.99 -23.20
CA PHE A 139 -29.33 -9.43 -23.21
C PHE A 139 -29.59 -10.64 -22.33
N TYR A 140 -28.57 -11.48 -22.08
CA TYR A 140 -28.71 -12.65 -21.20
C TYR A 140 -29.28 -12.30 -19.82
N ASP A 141 -29.08 -11.06 -19.32
CA ASP A 141 -29.67 -10.63 -18.03
C ASP A 141 -31.20 -10.68 -18.09
N PHE A 142 -31.76 -10.28 -19.23
CA PHE A 142 -33.20 -10.22 -19.48
C PHE A 142 -33.77 -11.61 -19.82
N GLU A 143 -32.97 -12.49 -20.44
CA GLU A 143 -33.41 -13.85 -20.74
C GLU A 143 -33.50 -14.65 -19.43
N ARG A 144 -32.51 -14.46 -18.53
CA ARG A 144 -32.47 -15.11 -17.22
C ARG A 144 -33.57 -14.58 -16.28
N ASP A 145 -33.95 -13.30 -16.41
CA ASP A 145 -34.99 -12.69 -15.57
C ASP A 145 -36.07 -12.04 -16.45
N ALA A 146 -37.18 -12.75 -16.65
CA ALA A 146 -38.30 -12.22 -17.45
C ALA A 146 -39.00 -11.04 -16.77
N TYR A 147 -38.97 -11.01 -15.42
CA TYR A 147 -39.54 -9.90 -14.65
C TYR A 147 -38.75 -8.60 -14.92
N LEU A 148 -37.40 -8.72 -15.10
CA LEU A 148 -36.51 -7.60 -15.39
C LEU A 148 -36.81 -7.02 -16.77
N LEU A 149 -37.13 -7.89 -17.75
CA LEU A 149 -37.42 -7.42 -19.10
C LEU A 149 -38.72 -6.62 -19.15
N GLN A 150 -39.80 -7.13 -18.54
CA GLN A 150 -41.07 -6.42 -18.52
C GLN A 150 -40.98 -5.09 -17.75
N ARG A 151 -40.09 -5.00 -16.74
CA ARG A 151 -39.87 -3.74 -16.02
C ARG A 151 -39.23 -2.73 -16.98
N MET A 152 -38.17 -3.17 -17.73
CA MET A 152 -37.48 -2.32 -18.70
C MET A 152 -38.45 -1.85 -19.80
N GLU A 153 -39.25 -2.77 -20.36
CA GLU A 153 -40.20 -2.44 -21.43
C GLU A 153 -41.30 -1.49 -20.93
N GLU A 154 -41.71 -1.59 -19.65
CA GLU A 154 -42.70 -0.68 -19.07
C GLU A 154 -42.07 0.72 -18.94
N PHE A 155 -40.80 0.80 -18.51
CA PHE A 155 -40.10 2.07 -18.38
C PHE A 155 -39.92 2.75 -19.76
N ILE A 156 -39.17 2.13 -20.69
CA ILE A 156 -38.95 2.76 -22.01
C ILE A 156 -40.27 3.05 -22.75
N GLY A 157 -41.30 2.23 -22.51
CA GLY A 157 -42.62 2.39 -23.09
C GLY A 157 -43.39 3.61 -22.58
N THR A 158 -43.14 4.04 -21.32
CA THR A 158 -43.79 5.22 -20.72
C THR A 158 -42.99 6.52 -20.91
N VAL A 159 -41.77 6.46 -21.46
CA VAL A 159 -40.94 7.65 -21.71
C VAL A 159 -41.63 8.54 -22.77
N ARG A 160 -41.64 9.87 -22.53
CA ARG A 160 -42.26 10.86 -23.41
C ARG A 160 -41.29 12.00 -23.72
N GLY A 161 -41.06 12.30 -25.00
CA GLY A 161 -40.15 13.36 -25.40
C GLY A 161 -39.82 13.37 -26.88
N LYS A 162 -39.22 14.48 -27.35
CA LYS A 162 -38.87 14.67 -28.78
C LYS A 162 -37.62 13.82 -29.11
N ALA A 163 -36.47 14.10 -28.48
CA ALA A 163 -35.24 13.34 -28.68
C ALA A 163 -35.33 11.92 -28.08
N MET A 164 -36.19 11.73 -27.07
CA MET A 164 -36.37 10.44 -26.41
C MET A 164 -36.99 9.43 -27.41
N LYS A 165 -37.92 9.91 -28.26
CA LYS A 165 -38.63 9.12 -29.29
C LYS A 165 -37.70 8.21 -30.14
N LYS A 166 -36.58 8.75 -30.65
CA LYS A 166 -35.64 7.98 -31.48
C LYS A 166 -34.84 6.96 -30.64
N TRP A 167 -34.51 7.32 -29.39
CA TRP A 167 -33.77 6.44 -28.49
C TRP A 167 -34.62 5.24 -28.06
N VAL A 168 -35.90 5.47 -27.68
CA VAL A 168 -36.76 4.37 -27.25
C VAL A 168 -37.03 3.39 -28.41
N GLU A 169 -37.09 3.89 -29.66
CA GLU A 169 -37.35 3.02 -30.80
C GLU A 169 -36.15 2.09 -31.06
N SER A 170 -34.92 2.63 -30.96
CA SER A 170 -33.73 1.80 -31.19
C SER A 170 -33.56 0.77 -30.08
N ILE A 171 -33.90 1.12 -28.82
CA ILE A 171 -33.81 0.17 -27.73
C ILE A 171 -34.81 -0.98 -27.95
N THR A 172 -36.02 -0.65 -28.41
CA THR A 172 -37.05 -1.65 -28.68
C THR A 172 -36.63 -2.54 -29.87
N LYS A 173 -36.05 -1.93 -30.93
CA LYS A 173 -35.56 -2.67 -32.11
C LYS A 173 -34.57 -3.76 -31.68
N ILE A 174 -33.65 -3.42 -30.77
CA ILE A 174 -32.66 -4.36 -30.27
C ILE A 174 -33.33 -5.51 -29.48
N ILE A 175 -34.23 -5.18 -28.53
CA ILE A 175 -34.89 -6.19 -27.69
C ILE A 175 -35.59 -7.27 -28.55
N GLN A 176 -36.36 -6.83 -29.55
CA GLN A 176 -37.09 -7.74 -30.44
C GLN A 176 -36.14 -8.55 -31.34
N ARG A 177 -35.05 -7.93 -31.83
CA ARG A 177 -34.04 -8.62 -32.63
C ARG A 177 -33.36 -9.71 -31.78
N LYS A 178 -33.11 -9.43 -30.49
CA LYS A 178 -32.51 -10.39 -29.57
C LYS A 178 -33.50 -11.53 -29.25
N LYS A 179 -34.79 -11.21 -29.14
CA LYS A 179 -35.84 -12.20 -28.91
C LYS A 179 -35.91 -13.14 -30.11
N ILE A 180 -35.81 -12.61 -31.34
CA ILE A 180 -35.84 -13.39 -32.59
C ILE A 180 -34.58 -14.23 -32.73
N ALA A 181 -33.43 -13.74 -32.23
CA ALA A 181 -32.18 -14.51 -32.27
C ALA A 181 -32.28 -15.81 -31.45
N ARG A 182 -33.14 -15.85 -30.42
CA ARG A 182 -33.31 -17.07 -29.62
C ARG A 182 -34.14 -18.12 -30.35
N ASP A 183 -34.89 -17.76 -31.42
CA ASP A 183 -35.67 -18.73 -32.21
C ASP A 183 -35.52 -18.49 -33.71
N THR A 191 -20.40 -18.17 -46.55
CA THR A 191 -19.64 -17.74 -45.37
C THR A 191 -18.12 -17.76 -45.63
N PHE A 192 -17.56 -18.90 -46.08
CA PHE A 192 -16.12 -19.01 -46.33
C PHE A 192 -15.82 -18.89 -47.82
N GLN A 193 -14.70 -18.23 -48.16
CA GLN A 193 -14.27 -18.05 -49.55
C GLN A 193 -13.91 -19.38 -50.19
N SER A 194 -13.25 -20.27 -49.42
CA SER A 194 -12.78 -21.55 -49.89
C SER A 194 -13.64 -22.70 -49.38
N SER A 195 -13.69 -23.80 -50.13
CA SER A 195 -14.39 -24.99 -49.70
C SER A 195 -13.51 -25.70 -48.65
N PRO A 196 -14.10 -26.35 -47.65
CA PRO A 196 -13.29 -27.01 -46.61
C PRO A 196 -12.59 -28.27 -47.13
N PRO A 197 -11.50 -28.71 -46.47
CA PRO A 197 -10.83 -29.93 -46.93
C PRO A 197 -11.69 -31.18 -46.78
N THR A 198 -11.27 -32.27 -47.43
CA THR A 198 -12.01 -33.52 -47.40
C THR A 198 -11.93 -34.15 -46.00
N VAL A 199 -13.07 -34.63 -45.49
CA VAL A 199 -13.14 -35.29 -44.19
C VAL A 199 -12.33 -36.60 -44.28
N GLU A 200 -11.27 -36.71 -43.47
CA GLU A 200 -10.40 -37.87 -43.46
C GLU A 200 -10.96 -39.00 -42.61
N TRP A 201 -10.83 -40.26 -43.12
CA TRP A 201 -11.22 -41.48 -42.42
C TRP A 201 -10.01 -42.44 -42.35
N HIS A 202 -9.95 -43.28 -41.31
CA HIS A 202 -8.84 -44.23 -41.11
C HIS A 202 -9.39 -45.70 -41.08
N ILE A 203 -9.73 -46.29 -39.92
CA ILE A 203 -10.25 -47.65 -39.85
C ILE A 203 -11.77 -47.61 -39.75
N SER A 204 -12.31 -46.79 -38.83
CA SER A 204 -13.76 -46.61 -38.65
C SER A 204 -14.36 -45.98 -39.90
N ARG A 205 -15.44 -46.57 -40.43
CA ARG A 205 -16.08 -46.05 -41.63
C ARG A 205 -17.21 -45.11 -41.22
N PRO A 206 -17.57 -44.13 -42.07
CA PRO A 206 -18.69 -43.21 -41.71
C PRO A 206 -19.96 -43.94 -41.27
N GLY A 207 -20.64 -43.40 -40.26
CA GLY A 207 -21.87 -43.99 -39.73
C GLY A 207 -21.69 -45.09 -38.70
N HIS A 208 -20.52 -45.76 -38.68
CA HIS A 208 -20.21 -46.83 -37.73
C HIS A 208 -19.74 -46.23 -36.40
N ILE A 209 -20.64 -45.47 -35.75
CA ILE A 209 -20.40 -44.82 -34.46
C ILE A 209 -19.97 -45.80 -33.37
N GLU A 210 -20.48 -47.03 -33.43
CA GLU A 210 -20.16 -48.08 -32.48
C GLU A 210 -18.64 -48.39 -32.44
N THR A 211 -17.94 -48.26 -33.59
CA THR A 211 -16.49 -48.53 -33.69
C THR A 211 -15.59 -47.31 -33.44
N PHE A 212 -16.16 -46.10 -33.23
CA PHE A 212 -15.38 -44.89 -33.00
C PHE A 212 -14.55 -44.94 -31.72
N ASP A 213 -13.27 -44.61 -31.84
CA ASP A 213 -12.33 -44.55 -30.71
C ASP A 213 -11.06 -43.75 -31.14
N LEU A 214 -10.11 -43.58 -30.22
CA LEU A 214 -8.90 -42.81 -30.49
C LEU A 214 -8.10 -43.34 -31.70
N LEU A 215 -7.85 -44.65 -31.78
CA LEU A 215 -7.04 -45.22 -32.86
C LEU A 215 -7.83 -45.59 -34.14
N THR A 216 -9.17 -45.72 -34.06
CA THR A 216 -9.95 -46.07 -35.25
C THR A 216 -10.29 -44.82 -36.08
N LEU A 217 -10.54 -43.67 -35.44
CA LEU A 217 -10.78 -42.42 -36.16
C LEU A 217 -9.43 -41.86 -36.68
N HIS A 218 -9.46 -41.03 -37.73
CA HIS A 218 -8.22 -40.49 -38.30
C HIS A 218 -7.64 -39.38 -37.38
N PRO A 219 -6.33 -39.36 -37.08
CA PRO A 219 -5.80 -38.31 -36.20
C PRO A 219 -6.00 -36.88 -36.71
N ILE A 220 -6.05 -36.67 -38.03
CA ILE A 220 -6.27 -35.34 -38.59
C ILE A 220 -7.71 -34.91 -38.25
N GLU A 221 -8.68 -35.81 -38.49
CA GLU A 221 -10.08 -35.49 -38.29
C GLU A 221 -10.45 -35.33 -36.81
N ILE A 222 -9.74 -36.01 -35.90
CA ILE A 222 -9.99 -35.88 -34.46
C ILE A 222 -9.65 -34.44 -34.04
N ALA A 223 -8.47 -33.96 -34.45
CA ALA A 223 -8.01 -32.62 -34.13
C ALA A 223 -8.87 -31.55 -34.83
N ARG A 224 -9.40 -31.83 -36.02
CA ARG A 224 -10.25 -30.88 -36.75
C ARG A 224 -11.61 -30.73 -36.06
N GLN A 225 -12.24 -31.85 -35.68
CA GLN A 225 -13.56 -31.81 -35.04
C GLN A 225 -13.48 -31.30 -33.60
N LEU A 226 -12.38 -31.61 -32.88
CA LEU A 226 -12.19 -31.06 -31.54
C LEU A 226 -11.95 -29.54 -31.67
N THR A 227 -11.21 -29.09 -32.70
CA THR A 227 -10.94 -27.66 -32.90
C THR A 227 -12.23 -26.88 -33.19
N LEU A 228 -13.17 -27.48 -33.93
CA LEU A 228 -14.45 -26.85 -34.21
C LEU A 228 -15.27 -26.77 -32.92
N LEU A 229 -15.28 -27.86 -32.14
CA LEU A 229 -16.00 -27.96 -30.88
C LEU A 229 -15.47 -26.94 -29.86
N GLU A 230 -14.15 -26.86 -29.71
CA GLU A 230 -13.51 -25.94 -28.77
C GLU A 230 -13.60 -24.50 -29.24
N SER A 231 -13.65 -24.25 -30.56
CA SER A 231 -13.79 -22.90 -31.09
C SER A 231 -15.21 -22.41 -30.74
N ASP A 232 -16.23 -23.26 -30.98
CA ASP A 232 -17.61 -22.93 -30.65
C ASP A 232 -17.79 -22.67 -29.15
N LEU A 233 -17.11 -23.44 -28.28
CA LEU A 233 -17.21 -23.25 -26.84
C LEU A 233 -16.56 -21.95 -26.41
N TYR A 234 -15.38 -21.64 -26.98
CA TYR A 234 -14.63 -20.42 -26.67
C TYR A 234 -15.46 -19.17 -26.96
N ARG A 235 -16.13 -19.16 -28.13
CA ARG A 235 -16.96 -18.04 -28.59
C ARG A 235 -18.20 -17.83 -27.72
N ALA A 236 -18.80 -18.91 -27.18
CA ALA A 236 -20.02 -18.79 -26.37
C ALA A 236 -19.81 -18.11 -25.01
N VAL A 237 -18.57 -18.06 -24.50
CA VAL A 237 -18.31 -17.48 -23.18
C VAL A 237 -18.45 -15.95 -23.20
N GLN A 238 -19.18 -15.41 -22.20
CA GLN A 238 -19.38 -13.97 -22.07
C GLN A 238 -18.47 -13.42 -20.96
N PRO A 239 -17.85 -12.23 -21.15
CA PRO A 239 -17.03 -11.65 -20.07
C PRO A 239 -17.61 -11.69 -18.64
N SER A 240 -18.94 -11.47 -18.49
CA SER A 240 -19.58 -11.46 -17.16
C SER A 240 -19.47 -12.81 -16.43
N GLU A 241 -19.41 -13.92 -17.18
CA GLU A 241 -19.27 -15.26 -16.60
C GLU A 241 -17.96 -15.41 -15.80
N LEU A 242 -16.93 -14.60 -16.12
CA LEU A 242 -15.64 -14.63 -15.45
C LEU A 242 -15.46 -13.58 -14.34
N VAL A 243 -16.32 -12.54 -14.26
CA VAL A 243 -16.13 -11.50 -13.26
C VAL A 243 -16.63 -11.96 -11.88
N GLY A 244 -15.95 -11.51 -10.85
CA GLY A 244 -16.26 -11.83 -9.46
C GLY A 244 -16.07 -13.29 -9.08
N SER A 245 -15.36 -14.08 -9.94
CA SER A 245 -15.13 -15.52 -9.74
C SER A 245 -16.45 -16.26 -9.52
N VAL A 246 -17.48 -15.87 -10.29
CA VAL A 246 -18.84 -16.39 -10.15
C VAL A 246 -18.96 -17.87 -10.62
N TRP A 247 -17.98 -18.40 -11.39
CA TRP A 247 -17.98 -19.83 -11.76
C TRP A 247 -17.51 -20.74 -10.60
N THR A 248 -16.85 -20.15 -9.58
CA THR A 248 -16.41 -20.85 -8.37
C THR A 248 -17.44 -20.71 -7.22
N LYS A 249 -18.43 -19.79 -7.35
CA LYS A 249 -19.46 -19.56 -6.32
C LYS A 249 -20.60 -20.59 -6.42
N GLU A 250 -21.59 -20.52 -5.51
CA GLU A 250 -22.70 -21.47 -5.46
C GLU A 250 -23.61 -21.34 -6.71
N ASP A 251 -23.91 -20.08 -7.09
CA ASP A 251 -24.72 -19.73 -8.25
C ASP A 251 -23.81 -19.62 -9.46
N LYS A 252 -23.54 -20.74 -10.12
CA LYS A 252 -22.63 -20.81 -11.28
C LYS A 252 -23.26 -21.45 -12.52
N GLU A 253 -24.22 -22.37 -12.37
CA GLU A 253 -24.87 -23.01 -13.51
C GLU A 253 -25.69 -22.01 -14.35
N ILE A 254 -26.20 -20.93 -13.73
CA ILE A 254 -26.98 -19.92 -14.45
C ILE A 254 -26.09 -18.74 -14.82
N ASN A 255 -25.13 -18.36 -13.96
CA ASN A 255 -24.25 -17.21 -14.20
C ASN A 255 -23.10 -17.51 -15.17
N SER A 256 -22.58 -18.75 -15.15
CA SER A 256 -21.46 -19.20 -15.99
C SER A 256 -21.77 -20.52 -16.72
N PRO A 257 -22.85 -20.58 -17.53
CA PRO A 257 -23.19 -21.85 -18.20
C PRO A 257 -22.23 -22.26 -19.33
N ASN A 258 -21.81 -21.28 -20.13
CA ASN A 258 -20.91 -21.51 -21.27
C ASN A 258 -19.47 -21.79 -20.79
N LEU A 259 -19.02 -21.04 -19.78
CA LEU A 259 -17.68 -21.17 -19.21
C LEU A 259 -17.51 -22.55 -18.55
N LEU A 260 -18.53 -23.03 -17.83
CA LEU A 260 -18.45 -24.35 -17.21
C LEU A 260 -18.39 -25.47 -18.27
N LYS A 261 -19.12 -25.34 -19.39
CA LYS A 261 -19.05 -26.34 -20.47
C LYS A 261 -17.62 -26.40 -21.04
N MET A 262 -16.96 -25.23 -21.16
CA MET A 262 -15.59 -25.14 -21.66
C MET A 262 -14.63 -25.88 -20.68
N ILE A 263 -14.75 -25.63 -19.37
CA ILE A 263 -13.92 -26.29 -18.34
C ILE A 263 -14.19 -27.80 -18.29
N ARG A 264 -15.47 -28.18 -18.33
CA ARG A 264 -15.84 -29.59 -18.28
C ARG A 264 -15.33 -30.34 -19.52
N HIS A 265 -15.35 -29.71 -20.70
CA HIS A 265 -14.84 -30.34 -21.92
C HIS A 265 -13.33 -30.57 -21.77
N THR A 266 -12.62 -29.54 -21.30
CA THR A 266 -11.17 -29.63 -21.10
C THR A 266 -10.83 -30.73 -20.07
N THR A 267 -11.62 -30.86 -19.02
CA THR A 267 -11.40 -31.90 -18.01
C THR A 267 -11.69 -33.28 -18.61
N ASN A 268 -12.83 -33.42 -19.29
CA ASN A 268 -13.22 -34.71 -19.90
C ASN A 268 -12.21 -35.18 -20.97
N LEU A 269 -11.76 -34.28 -21.86
CA LEU A 269 -10.82 -34.65 -22.92
C LEU A 269 -9.43 -35.00 -22.35
N THR A 270 -8.92 -34.18 -21.42
CA THR A 270 -7.60 -34.40 -20.81
C THR A 270 -7.61 -35.74 -20.06
N LEU A 271 -8.65 -36.01 -19.28
CA LEU A 271 -8.76 -37.28 -18.55
C LEU A 271 -9.01 -38.46 -19.47
N TRP A 272 -9.68 -38.23 -20.62
CA TRP A 272 -9.92 -39.28 -21.60
C TRP A 272 -8.57 -39.72 -22.20
N PHE A 273 -7.70 -38.76 -22.57
CA PHE A 273 -6.36 -39.10 -23.09
C PHE A 273 -5.58 -39.93 -22.08
N GLU A 274 -5.61 -39.55 -20.79
CA GLU A 274 -4.90 -40.28 -19.73
C GLU A 274 -5.44 -41.70 -19.59
N LYS A 275 -6.79 -41.84 -19.64
CA LYS A 275 -7.49 -43.12 -19.55
C LYS A 275 -7.04 -44.03 -20.69
N CYS A 276 -7.03 -43.50 -21.93
CA CYS A 276 -6.59 -44.24 -23.13
C CYS A 276 -5.16 -44.76 -22.98
N ILE A 277 -4.30 -43.99 -22.31
CA ILE A 277 -2.90 -44.35 -22.10
C ILE A 277 -2.77 -45.42 -20.98
N VAL A 278 -3.20 -45.12 -19.74
CA VAL A 278 -3.01 -46.05 -18.63
C VAL A 278 -3.84 -47.35 -18.77
N GLU A 279 -5.04 -47.30 -19.38
CA GLU A 279 -5.84 -48.51 -19.58
C GLU A 279 -5.33 -49.42 -20.70
N THR A 280 -4.27 -49.00 -21.44
CA THR A 280 -3.64 -49.82 -22.49
C THR A 280 -2.40 -50.43 -21.83
N GLU A 281 -2.55 -51.64 -21.26
CA GLU A 281 -1.50 -52.30 -20.48
C GLU A 281 -0.31 -52.80 -21.29
N ASN A 282 -0.53 -53.22 -22.55
CA ASN A 282 0.57 -53.66 -23.39
C ASN A 282 1.46 -52.44 -23.71
N LEU A 283 2.75 -52.52 -23.37
CA LEU A 283 3.69 -51.41 -23.57
C LEU A 283 3.71 -50.90 -25.03
N GLU A 284 3.89 -51.82 -25.99
CA GLU A 284 3.98 -51.46 -27.41
C GLU A 284 2.70 -50.80 -27.94
N GLU A 285 1.52 -51.26 -27.46
CA GLU A 285 0.23 -50.66 -27.83
C GLU A 285 0.09 -49.27 -27.20
N ARG A 286 0.51 -49.13 -25.93
CA ARG A 286 0.46 -47.86 -25.21
C ARG A 286 1.36 -46.82 -25.89
N VAL A 287 2.52 -47.25 -26.40
CA VAL A 287 3.42 -46.37 -27.14
C VAL A 287 2.68 -45.77 -28.37
N ALA A 288 1.93 -46.61 -29.12
CA ALA A 288 1.18 -46.17 -30.29
C ALA A 288 0.06 -45.18 -29.93
N VAL A 289 -0.59 -45.36 -28.76
CA VAL A 289 -1.64 -44.46 -28.26
C VAL A 289 -1.02 -43.07 -27.98
N VAL A 290 0.08 -43.03 -27.22
CA VAL A 290 0.80 -41.78 -26.92
C VAL A 290 1.27 -41.12 -28.21
N SER A 291 1.86 -41.90 -29.10
CA SER A 291 2.34 -41.40 -30.39
C SER A 291 1.22 -40.72 -31.20
N ARG A 292 -0.01 -41.29 -31.14
CA ARG A 292 -1.16 -40.78 -31.88
C ARG A 292 -1.68 -39.50 -31.24
N ILE A 293 -1.64 -39.40 -29.89
CA ILE A 293 -2.05 -38.19 -29.20
C ILE A 293 -1.06 -37.04 -29.54
N ILE A 294 0.25 -37.34 -29.67
CA ILE A 294 1.24 -36.35 -30.08
C ILE A 294 0.95 -35.89 -31.51
N GLU A 295 0.57 -36.81 -32.41
CA GLU A 295 0.21 -36.46 -33.77
C GLU A 295 -1.03 -35.55 -33.78
N ILE A 296 -2.02 -35.85 -32.91
CA ILE A 296 -3.22 -35.01 -32.74
C ILE A 296 -2.80 -33.59 -32.33
N LEU A 297 -1.78 -33.45 -31.45
CA LEU A 297 -1.24 -32.15 -31.02
C LEU A 297 -0.59 -31.43 -32.21
N GLN A 298 0.11 -32.17 -33.10
CA GLN A 298 0.74 -31.59 -34.29
C GLN A 298 -0.29 -30.93 -35.21
N VAL A 299 -1.47 -31.54 -35.34
CA VAL A 299 -2.53 -30.99 -36.16
C VAL A 299 -3.18 -29.79 -35.45
N PHE A 300 -3.27 -29.81 -34.10
CA PHE A 300 -3.75 -28.66 -33.33
C PHE A 300 -2.79 -27.47 -33.58
N GLN A 301 -1.46 -27.72 -33.63
CA GLN A 301 -0.46 -26.69 -33.93
C GLN A 301 -0.67 -26.14 -35.34
N GLU A 302 -0.94 -27.01 -36.33
CA GLU A 302 -1.19 -26.58 -37.71
C GLU A 302 -2.41 -25.65 -37.79
N LEU A 303 -3.45 -25.97 -37.00
CA LEU A 303 -4.70 -25.20 -36.95
C LEU A 303 -4.67 -24.04 -35.94
N ASN A 304 -3.54 -23.80 -35.26
CA ASN A 304 -3.41 -22.74 -34.25
C ASN A 304 -4.42 -22.88 -33.11
N ASN A 305 -4.76 -24.12 -32.75
CA ASN A 305 -5.65 -24.40 -31.64
C ASN A 305 -4.73 -24.62 -30.45
N PHE A 306 -4.37 -23.52 -29.77
CA PHE A 306 -3.49 -23.59 -28.60
C PHE A 306 -4.19 -24.22 -27.39
N ASN A 307 -5.54 -24.16 -27.34
CA ASN A 307 -6.32 -24.77 -26.28
C ASN A 307 -6.12 -26.29 -26.32
N GLY A 308 -6.19 -26.86 -27.52
CA GLY A 308 -6.00 -28.29 -27.75
C GLY A 308 -4.57 -28.73 -27.49
N VAL A 309 -3.58 -27.95 -27.95
CA VAL A 309 -2.16 -28.26 -27.70
C VAL A 309 -1.89 -28.35 -26.18
N LEU A 310 -2.39 -27.38 -25.41
CA LEU A 310 -2.13 -27.36 -23.97
C LEU A 310 -3.03 -28.33 -23.16
N GLU A 311 -4.04 -28.95 -23.80
CA GLU A 311 -4.83 -30.03 -23.20
C GLU A 311 -4.02 -31.32 -23.28
N VAL A 312 -3.33 -31.54 -24.41
CA VAL A 312 -2.47 -32.73 -24.62
C VAL A 312 -1.27 -32.63 -23.67
N VAL A 313 -0.66 -31.43 -23.55
CA VAL A 313 0.47 -31.18 -22.65
C VAL A 313 0.05 -31.50 -21.21
N SER A 314 -1.15 -31.05 -20.83
CA SER A 314 -1.70 -31.31 -19.50
C SER A 314 -1.87 -32.81 -19.23
N ALA A 315 -2.30 -33.58 -20.25
CA ALA A 315 -2.45 -35.04 -20.12
C ALA A 315 -1.08 -35.73 -20.00
N MET A 316 -0.10 -35.29 -20.81
CA MET A 316 1.25 -35.85 -20.76
C MET A 316 2.01 -35.49 -19.48
N ASN A 317 1.66 -34.35 -18.86
CA ASN A 317 2.29 -33.92 -17.60
C ASN A 317 1.56 -34.39 -16.34
N SER A 318 0.39 -35.02 -16.47
CA SER A 318 -0.35 -35.55 -15.32
C SER A 318 0.45 -36.61 -14.60
N SER A 319 0.21 -36.80 -13.30
CA SER A 319 0.93 -37.80 -12.50
C SER A 319 0.92 -39.23 -13.11
N PRO A 320 -0.23 -39.75 -13.64
CA PRO A 320 -0.21 -41.11 -14.20
C PRO A 320 0.58 -41.27 -15.51
N VAL A 321 0.64 -40.24 -16.36
CA VAL A 321 1.32 -40.35 -17.65
C VAL A 321 2.79 -39.91 -17.59
N TYR A 322 3.11 -38.83 -16.85
CA TYR A 322 4.47 -38.30 -16.81
C TYR A 322 5.52 -39.33 -16.35
N ARG A 323 5.14 -40.22 -15.42
CA ARG A 323 6.02 -41.26 -14.87
C ARG A 323 6.23 -42.52 -15.75
N LEU A 324 5.60 -42.61 -16.92
CA LEU A 324 5.72 -43.78 -17.80
C LEU A 324 6.96 -43.73 -18.69
N ASP A 325 8.14 -43.80 -18.05
CA ASP A 325 9.45 -43.76 -18.70
C ASP A 325 9.68 -44.82 -19.79
N HIS A 326 9.12 -46.02 -19.63
CA HIS A 326 9.28 -47.07 -20.63
C HIS A 326 8.50 -46.75 -21.91
N THR A 327 7.37 -46.05 -21.77
CA THR A 327 6.51 -45.65 -22.88
C THR A 327 7.19 -44.54 -23.71
N PHE A 328 7.63 -43.46 -23.04
CA PHE A 328 8.26 -42.34 -23.73
C PHE A 328 9.66 -42.66 -24.25
N GLU A 329 10.32 -43.73 -23.76
CA GLU A 329 11.63 -44.17 -24.28
C GLU A 329 11.47 -44.59 -25.75
N GLN A 330 10.38 -45.33 -26.07
CA GLN A 330 10.09 -45.79 -27.43
C GLN A 330 9.46 -44.71 -28.33
N ILE A 331 9.16 -43.51 -27.80
CA ILE A 331 8.59 -42.42 -28.61
C ILE A 331 9.74 -41.79 -29.41
N PRO A 332 9.68 -41.76 -30.77
CA PRO A 332 10.79 -41.16 -31.53
C PRO A 332 11.20 -39.76 -31.07
N SER A 333 12.48 -39.41 -31.30
CA SER A 333 13.01 -38.10 -30.90
C SER A 333 12.25 -36.93 -31.51
N ARG A 334 11.77 -37.06 -32.75
CA ARG A 334 11.04 -35.98 -33.39
C ARG A 334 9.74 -35.67 -32.62
N GLN A 335 9.00 -36.71 -32.24
CA GLN A 335 7.77 -36.56 -31.46
C GLN A 335 8.07 -36.00 -30.07
N LYS A 336 9.18 -36.45 -29.46
CA LYS A 336 9.64 -35.96 -28.15
C LYS A 336 9.87 -34.43 -28.22
N LYS A 337 10.64 -33.92 -29.22
CA LYS A 337 10.94 -32.48 -29.38
C LYS A 337 9.66 -31.66 -29.57
N ILE A 338 8.71 -32.18 -30.36
CA ILE A 338 7.41 -31.53 -30.58
C ILE A 338 6.70 -31.33 -29.23
N LEU A 339 6.69 -32.38 -28.40
CA LEU A 339 6.03 -32.36 -27.10
C LEU A 339 6.79 -31.47 -26.08
N GLU A 340 8.12 -31.50 -26.12
CA GLU A 340 8.94 -30.68 -25.23
C GLU A 340 8.73 -29.19 -25.54
N GLU A 341 8.72 -28.80 -26.81
CA GLU A 341 8.48 -27.39 -27.16
C GLU A 341 7.06 -26.94 -26.80
N ALA A 342 6.09 -27.87 -26.83
CA ALA A 342 4.71 -27.55 -26.46
C ALA A 342 4.64 -27.23 -24.95
N HIS A 343 5.43 -27.92 -24.11
CA HIS A 343 5.48 -27.60 -22.68
C HIS A 343 6.12 -26.22 -22.48
N GLU A 344 7.19 -25.92 -23.25
CA GLU A 344 7.89 -24.63 -23.21
C GLU A 344 6.96 -23.43 -23.50
N LEU A 345 5.79 -23.68 -24.12
CA LEU A 345 4.78 -22.64 -24.32
C LEU A 345 4.32 -22.07 -22.96
N SER A 346 4.22 -22.93 -21.93
CA SER A 346 3.74 -22.58 -20.59
C SER A 346 4.79 -21.99 -19.64
N GLU A 347 6.07 -22.19 -19.92
CA GLU A 347 7.13 -21.72 -19.02
C GLU A 347 7.24 -20.20 -18.99
N ASP A 348 7.74 -19.66 -17.87
CA ASP A 348 7.92 -18.21 -17.66
C ASP A 348 6.58 -17.49 -17.82
N HIS A 349 5.53 -17.98 -17.14
CA HIS A 349 4.20 -17.39 -17.19
C HIS A 349 3.68 -17.29 -18.62
N TYR A 350 3.80 -18.38 -19.39
CA TYR A 350 3.35 -18.50 -20.78
C TYR A 350 3.97 -17.45 -21.72
N LYS A 351 5.27 -17.19 -21.54
CA LYS A 351 6.02 -16.22 -22.34
C LYS A 351 6.04 -16.59 -23.83
N LYS A 352 6.33 -17.85 -24.14
CA LYS A 352 6.39 -18.32 -25.52
C LYS A 352 4.99 -18.45 -26.16
N TYR A 353 3.99 -18.97 -25.41
CA TYR A 353 2.60 -19.05 -25.87
C TYR A 353 2.07 -17.66 -26.31
N LEU A 354 2.28 -16.64 -25.46
CA LEU A 354 1.79 -15.30 -25.74
C LEU A 354 2.49 -14.69 -26.98
N ALA A 355 3.80 -14.90 -27.10
CA ALA A 355 4.53 -14.43 -28.28
C ALA A 355 4.03 -15.12 -29.55
N LYS A 356 3.67 -16.41 -29.46
CA LYS A 356 3.15 -17.18 -30.59
C LYS A 356 1.74 -16.70 -30.97
N LEU A 357 0.87 -16.53 -29.96
CA LEU A 357 -0.52 -16.09 -30.16
C LEU A 357 -0.60 -14.73 -30.89
N ARG A 358 0.23 -13.78 -30.49
CA ARG A 358 0.26 -12.46 -31.10
C ARG A 358 0.81 -12.47 -32.54
N SER A 359 1.69 -13.42 -32.88
CA SER A 359 2.33 -13.46 -34.21
C SER A 359 1.58 -14.28 -35.28
N ILE A 360 0.79 -15.28 -34.87
CA ILE A 360 0.07 -16.13 -35.83
C ILE A 360 -1.05 -15.39 -36.58
N ASN A 361 -1.42 -15.93 -37.76
CA ASN A 361 -2.51 -15.43 -38.57
C ASN A 361 -3.79 -16.18 -38.18
N PRO A 362 -4.95 -15.50 -38.10
CA PRO A 362 -6.19 -16.21 -37.76
C PRO A 362 -6.64 -17.21 -38.84
N PRO A 363 -7.53 -18.16 -38.49
CA PRO A 363 -8.21 -18.32 -37.20
C PRO A 363 -7.40 -19.12 -36.18
N CYS A 364 -7.79 -19.02 -34.91
CA CYS A 364 -7.13 -19.71 -33.80
C CYS A 364 -8.09 -19.93 -32.62
N VAL A 365 -7.75 -20.86 -31.73
CA VAL A 365 -8.48 -21.11 -30.50
C VAL A 365 -7.47 -20.84 -29.38
N PRO A 366 -7.45 -19.65 -28.75
CA PRO A 366 -6.48 -19.40 -27.68
C PRO A 366 -6.62 -20.35 -26.49
N PHE A 367 -5.56 -20.47 -25.69
CA PHE A 367 -5.59 -21.31 -24.50
C PHE A 367 -6.40 -20.56 -23.48
N PHE A 368 -7.52 -21.15 -23.05
CA PHE A 368 -8.49 -20.50 -22.18
C PHE A 368 -8.16 -20.48 -20.69
N GLY A 369 -7.41 -21.46 -20.22
CA GLY A 369 -7.05 -21.54 -18.80
C GLY A 369 -6.21 -20.40 -18.27
N ILE A 370 -5.35 -19.79 -19.11
CA ILE A 370 -4.50 -18.68 -18.66
C ILE A 370 -5.35 -17.49 -18.21
N TYR A 371 -6.52 -17.25 -18.86
CA TYR A 371 -7.39 -16.15 -18.52
C TYR A 371 -8.04 -16.42 -17.16
N LEU A 372 -8.53 -17.64 -16.92
CA LEU A 372 -9.11 -17.98 -15.62
C LEU A 372 -8.05 -17.84 -14.50
N THR A 373 -6.81 -18.31 -14.75
CA THR A 373 -5.72 -18.19 -13.79
C THR A 373 -5.46 -16.70 -13.44
N ASN A 374 -5.22 -15.86 -14.45
CA ASN A 374 -4.93 -14.44 -14.25
C ASN A 374 -6.10 -13.64 -13.67
N ILE A 375 -7.33 -14.07 -13.95
CA ILE A 375 -8.52 -13.40 -13.39
C ILE A 375 -8.65 -13.77 -11.91
N LEU A 376 -8.41 -15.05 -11.54
CA LEU A 376 -8.47 -15.47 -10.14
C LEU A 376 -7.37 -14.79 -9.32
N LYS A 377 -6.20 -14.53 -9.91
CA LYS A 377 -5.11 -13.85 -9.23
C LYS A 377 -5.46 -12.39 -8.95
N THR A 378 -6.13 -11.74 -9.90
CA THR A 378 -6.59 -10.35 -9.77
C THR A 378 -7.73 -10.29 -8.72
N GLU A 379 -8.65 -11.28 -8.76
CA GLU A 379 -9.77 -11.33 -7.82
C GLU A 379 -9.31 -11.56 -6.38
N GLU A 380 -8.22 -12.33 -6.19
CA GLU A 380 -7.69 -12.61 -4.85
C GLU A 380 -6.69 -11.53 -4.40
N GLY A 381 -5.93 -10.96 -5.33
CA GLY A 381 -4.91 -9.97 -5.04
C GLY A 381 -5.39 -8.54 -4.84
N ASN A 382 -6.67 -8.26 -5.11
CA ASN A 382 -7.22 -6.91 -4.94
C ASN A 382 -8.43 -6.93 -4.04
N PRO A 383 -8.62 -5.93 -3.15
CA PRO A 383 -9.80 -5.95 -2.26
C PRO A 383 -11.08 -5.57 -2.99
N GLU A 384 -12.22 -6.03 -2.45
CA GLU A 384 -13.52 -5.72 -3.01
C GLU A 384 -13.88 -4.24 -2.83
N VAL A 385 -13.46 -3.65 -1.69
CA VAL A 385 -13.71 -2.26 -1.36
C VAL A 385 -12.43 -1.56 -0.85
N LEU A 386 -12.43 -0.21 -0.87
CA LEU A 386 -11.39 0.66 -0.34
C LEU A 386 -12.07 1.55 0.70
N LYS A 387 -11.51 1.66 1.92
CA LYS A 387 -12.12 2.48 2.97
C LYS A 387 -11.48 3.87 3.03
N ARG A 388 -12.30 4.90 3.21
CA ARG A 388 -11.81 6.26 3.36
C ARG A 388 -12.73 7.01 4.32
N HIS A 389 -12.18 7.50 5.44
CA HIS A 389 -12.92 8.20 6.48
C HIS A 389 -14.03 7.32 7.07
N GLY A 390 -13.74 6.02 7.22
CA GLY A 390 -14.67 5.04 7.76
C GLY A 390 -15.72 4.52 6.79
N LYS A 391 -15.82 5.10 5.58
CA LYS A 391 -16.80 4.69 4.58
C LYS A 391 -16.18 3.72 3.57
N GLU A 392 -16.92 2.66 3.17
CA GLU A 392 -16.45 1.68 2.18
C GLU A 392 -16.88 2.06 0.76
N LEU A 393 -15.92 2.11 -0.17
CA LEU A 393 -16.17 2.45 -1.57
C LEU A 393 -15.83 1.26 -2.42
N ILE A 394 -16.65 0.96 -3.42
CA ILE A 394 -16.39 -0.17 -4.32
C ILE A 394 -15.12 0.08 -5.12
N ASN A 395 -14.16 -0.87 -5.08
CA ASN A 395 -12.91 -0.78 -5.83
C ASN A 395 -13.24 -1.06 -7.29
N PHE A 396 -13.51 0.01 -8.06
CA PHE A 396 -13.88 -0.17 -9.46
C PHE A 396 -12.66 -0.53 -10.32
N SER A 397 -11.45 -0.05 -9.98
CA SER A 397 -10.25 -0.41 -10.77
C SER A 397 -9.99 -1.92 -10.77
N LYS A 398 -10.42 -2.64 -9.69
CA LYS A 398 -10.33 -4.09 -9.63
C LYS A 398 -11.17 -4.69 -10.76
N ARG A 399 -12.41 -4.19 -10.92
CA ARG A 399 -13.33 -4.61 -11.98
C ARG A 399 -12.78 -4.24 -13.36
N ARG A 400 -12.15 -3.07 -13.47
CA ARG A 400 -11.57 -2.63 -14.74
C ARG A 400 -10.43 -3.57 -15.17
N LYS A 401 -9.59 -4.02 -14.21
CA LYS A 401 -8.49 -4.95 -14.56
C LYS A 401 -9.04 -6.30 -15.05
N VAL A 402 -10.12 -6.79 -14.42
CA VAL A 402 -10.74 -8.04 -14.84
C VAL A 402 -11.37 -7.88 -16.22
N ALA A 403 -12.05 -6.73 -16.45
CA ALA A 403 -12.69 -6.44 -17.74
C ALA A 403 -11.67 -6.31 -18.87
N GLU A 404 -10.44 -5.86 -18.57
CA GLU A 404 -9.40 -5.76 -19.59
C GLU A 404 -8.96 -7.16 -20.03
N ILE A 405 -8.85 -8.11 -19.07
CA ILE A 405 -8.48 -9.50 -19.39
C ILE A 405 -9.58 -10.19 -20.22
N THR A 406 -10.86 -9.97 -19.87
CA THR A 406 -11.96 -10.53 -20.67
C THR A 406 -12.04 -9.86 -22.07
N GLY A 407 -11.47 -8.66 -22.22
CA GLY A 407 -11.37 -7.97 -23.49
C GLY A 407 -10.41 -8.71 -24.40
N GLU A 408 -9.31 -9.24 -23.83
CA GLU A 408 -8.33 -10.07 -24.56
C GLU A 408 -9.00 -11.35 -25.07
N ILE A 409 -9.97 -11.91 -24.32
CA ILE A 409 -10.71 -13.09 -24.73
C ILE A 409 -11.56 -12.77 -25.96
N GLN A 410 -12.31 -11.65 -25.93
CA GLN A 410 -13.20 -11.25 -27.02
C GLN A 410 -12.46 -10.95 -28.32
N GLN A 411 -11.23 -10.45 -28.21
CA GLN A 411 -10.35 -10.14 -29.35
C GLN A 411 -10.22 -11.32 -30.35
N TYR A 412 -10.43 -12.58 -29.89
CA TYR A 412 -10.30 -13.76 -30.75
C TYR A 412 -11.62 -14.54 -30.96
N GLN A 413 -12.78 -14.00 -30.52
CA GLN A 413 -14.07 -14.69 -30.66
C GLN A 413 -14.75 -14.53 -32.05
N ASN A 414 -14.08 -13.89 -33.03
CA ASN A 414 -14.63 -13.74 -34.38
C ASN A 414 -13.66 -14.40 -35.38
N GLN A 415 -13.33 -15.68 -35.15
CA GLN A 415 -12.38 -16.41 -35.95
C GLN A 415 -12.89 -17.82 -36.31
N PRO A 416 -13.89 -17.91 -37.20
CA PRO A 416 -14.41 -19.23 -37.61
C PRO A 416 -13.44 -20.01 -38.48
N TYR A 417 -13.56 -21.36 -38.46
CA TYR A 417 -12.68 -22.26 -39.22
C TYR A 417 -13.34 -22.80 -40.48
N CYS A 418 -12.59 -22.82 -41.60
CA CYS A 418 -13.07 -23.41 -42.86
C CYS A 418 -12.82 -24.92 -42.80
N LEU A 419 -13.63 -25.60 -41.98
CA LEU A 419 -13.56 -27.05 -41.78
C LEU A 419 -14.97 -27.60 -41.70
N ARG A 420 -15.22 -28.71 -42.39
CA ARG A 420 -16.54 -29.33 -42.46
C ARG A 420 -16.85 -30.08 -41.17
N VAL A 421 -18.06 -29.87 -40.63
CA VAL A 421 -18.51 -30.55 -39.43
C VAL A 421 -18.92 -31.97 -39.79
N GLU A 422 -18.59 -32.93 -38.92
CA GLU A 422 -18.96 -34.33 -39.05
C GLU A 422 -19.73 -34.62 -37.77
N SER A 423 -21.07 -34.66 -37.87
CA SER A 423 -21.97 -34.82 -36.71
C SER A 423 -21.71 -36.06 -35.85
N ASP A 424 -21.38 -37.20 -36.46
CA ASP A 424 -21.12 -38.41 -35.70
C ASP A 424 -19.88 -38.24 -34.81
N ILE A 425 -18.80 -37.64 -35.36
CA ILE A 425 -17.55 -37.42 -34.63
C ILE A 425 -17.71 -36.31 -33.60
N LYS A 426 -18.49 -35.26 -33.93
CA LYS A 426 -18.76 -34.15 -33.02
C LYS A 426 -19.49 -34.68 -31.78
N ARG A 427 -20.50 -35.53 -31.99
CA ARG A 427 -21.27 -36.15 -30.92
C ARG A 427 -20.39 -37.06 -30.04
N PHE A 428 -19.42 -37.75 -30.64
CA PHE A 428 -18.52 -38.63 -29.89
C PHE A 428 -17.72 -37.81 -28.86
N PHE A 429 -17.12 -36.69 -29.29
CA PHE A 429 -16.33 -35.83 -28.41
C PHE A 429 -17.19 -34.98 -27.46
N GLU A 430 -18.46 -34.72 -27.80
CA GLU A 430 -19.38 -34.01 -26.90
C GLU A 430 -19.86 -34.93 -25.77
N ASN A 431 -20.08 -36.22 -26.07
CA ASN A 431 -20.58 -37.18 -25.07
C ASN A 431 -19.45 -37.94 -24.33
N LEU A 432 -18.20 -37.42 -24.34
CA LEU A 432 -17.10 -38.08 -23.62
C LEU A 432 -17.38 -38.11 -22.12
N ASN A 433 -17.24 -39.28 -21.50
CA ASN A 433 -17.49 -39.45 -20.08
C ASN A 433 -16.47 -40.43 -19.50
N PRO A 434 -15.17 -40.08 -19.48
CA PRO A 434 -14.16 -41.02 -18.97
C PRO A 434 -14.37 -41.44 -17.52
N MET A 435 -14.79 -40.50 -16.66
CA MET A 435 -15.00 -40.78 -15.23
C MET A 435 -16.16 -41.73 -14.97
N GLY A 436 -17.16 -41.76 -15.84
CA GLY A 436 -18.33 -42.60 -15.64
C GLY A 436 -19.13 -42.07 -14.47
N ASN A 437 -19.46 -42.92 -13.48
CA ASN A 437 -20.16 -42.50 -12.28
C ASN A 437 -19.18 -42.11 -11.12
N SER A 438 -17.86 -42.10 -11.40
CA SER A 438 -16.85 -41.74 -10.42
C SER A 438 -16.64 -40.23 -10.42
N MET A 439 -16.14 -39.71 -9.29
CA MET A 439 -15.81 -38.29 -9.15
C MET A 439 -14.35 -38.08 -9.62
N GLU A 440 -13.96 -36.82 -9.91
CA GLU A 440 -12.62 -36.52 -10.43
C GLU A 440 -11.46 -37.01 -9.54
N LYS A 441 -11.49 -36.71 -8.23
CA LYS A 441 -10.44 -37.14 -7.31
C LYS A 441 -10.31 -38.67 -7.28
N GLU A 442 -11.45 -39.36 -7.31
CA GLU A 442 -11.48 -40.83 -7.27
C GLU A 442 -11.00 -41.43 -8.59
N PHE A 443 -11.34 -40.79 -9.71
CA PHE A 443 -10.92 -41.25 -11.03
C PHE A 443 -9.41 -41.03 -11.26
N THR A 444 -8.87 -39.88 -10.82
CA THR A 444 -7.43 -39.61 -10.94
C THR A 444 -6.61 -40.53 -10.01
N ASP A 445 -7.19 -40.93 -8.86
CA ASP A 445 -6.55 -41.92 -7.96
C ASP A 445 -6.46 -43.26 -8.71
N TYR A 446 -7.53 -43.63 -9.43
CA TYR A 446 -7.60 -44.85 -10.24
C TYR A 446 -6.54 -44.81 -11.36
N LEU A 447 -6.44 -43.68 -12.10
CA LEU A 447 -5.48 -43.58 -13.19
C LEU A 447 -4.02 -43.70 -12.70
N PHE A 448 -3.71 -43.13 -11.53
CA PHE A 448 -2.37 -43.20 -10.97
C PHE A 448 -2.09 -44.62 -10.49
N ASN A 449 -3.06 -45.23 -9.78
CA ASN A 449 -2.90 -46.61 -9.33
C ASN A 449 -2.77 -47.56 -10.52
N LYS A 450 -3.42 -47.26 -11.66
CA LYS A 450 -3.30 -48.05 -12.89
C LYS A 450 -1.90 -47.87 -13.48
N SER A 451 -1.36 -46.64 -13.46
CA SER A 451 -0.01 -46.34 -13.94
C SER A 451 1.04 -47.21 -13.22
N LEU A 452 0.91 -47.35 -11.88
CA LEU A 452 1.82 -48.18 -11.08
C LEU A 452 1.66 -49.66 -11.43
N GLU A 453 0.48 -50.09 -11.87
CA GLU A 453 0.24 -51.48 -12.24
C GLU A 453 0.99 -51.80 -13.54
N ILE A 454 0.75 -51.01 -14.60
CA ILE A 454 1.37 -51.22 -15.92
C ILE A 454 2.89 -50.97 -15.93
N GLU A 455 3.40 -50.08 -15.06
CA GLU A 455 4.82 -49.78 -14.99
C GLU A 455 5.21 -49.60 -13.52
N PRO A 456 5.51 -50.69 -12.79
CA PRO A 456 5.83 -50.56 -11.36
C PRO A 456 7.09 -49.77 -11.02
N ARG A 457 7.19 -49.27 -9.77
CA ARG A 457 8.34 -48.51 -9.31
C ARG A 457 9.66 -49.34 -9.38
N ASN A 458 10.79 -48.67 -9.73
CA ASN A 458 12.15 -49.20 -9.97
C ASN A 458 12.52 -50.61 -9.36
N PRO A 459 12.49 -50.83 -8.02
CA PRO A 459 12.88 -52.16 -7.49
C PRO A 459 12.04 -53.30 -8.06
N LYS A 460 10.73 -53.06 -8.25
CA LYS A 460 9.83 -54.07 -8.79
C LYS A 460 10.10 -54.24 -10.31
N PRO A 461 10.09 -55.46 -10.91
CA PRO A 461 10.33 -55.57 -12.37
C PRO A 461 9.16 -55.09 -13.24
N LEU A 462 9.35 -55.06 -14.59
CA LEU A 462 8.34 -54.62 -15.56
C LEU A 462 7.62 -55.84 -16.16
N PRO A 463 6.39 -56.18 -15.69
CA PRO A 463 5.68 -57.34 -16.27
C PRO A 463 5.16 -57.09 -17.69
N ARG A 464 4.79 -58.17 -18.38
CA ARG A 464 4.23 -58.11 -19.72
C ARG A 464 2.72 -58.29 -19.64
N PHE A 465 1.97 -57.56 -20.47
CA PHE A 465 0.51 -57.63 -20.48
C PHE A 465 -0.01 -57.98 -21.88
N PRO A 466 -1.18 -58.65 -21.98
CA PRO A 466 -1.69 -59.01 -23.31
C PRO A 466 -2.26 -57.82 -24.09
N LYS A 467 -2.26 -57.94 -25.42
CA LYS A 467 -2.79 -56.90 -26.30
C LYS A 467 -4.32 -56.86 -26.21
N LYS A 468 -4.90 -55.67 -26.39
CA LYS A 468 -6.34 -55.43 -26.35
C LYS A 468 -6.93 -54.97 -27.69
N TYR A 469 -6.09 -54.53 -28.65
CA TYR A 469 -6.58 -54.04 -29.94
C TYR A 469 -6.45 -55.09 -31.04
N SER A 470 -7.57 -55.43 -31.70
CA SER A 470 -7.63 -56.41 -32.79
C SER A 470 -7.17 -55.78 -34.12
N TYR A 471 -7.54 -54.53 -34.35
CA TYR A 471 -7.17 -53.79 -35.57
C TYR A 471 -5.68 -53.36 -35.59
N PRO A 472 -5.11 -52.93 -36.74
CA PRO A 472 -3.70 -52.52 -36.75
C PRO A 472 -3.46 -51.20 -36.04
N LEU A 473 -2.26 -51.05 -35.47
CA LEU A 473 -1.87 -49.88 -34.69
C LEU A 473 -1.12 -48.82 -35.49
N LYS A 474 -0.70 -49.10 -36.73
CA LYS A 474 0.04 -48.12 -37.52
C LYS A 474 -0.83 -46.91 -37.81
N SER A 475 -0.23 -45.72 -37.71
CA SER A 475 -0.95 -44.48 -37.94
C SER A 475 -0.96 -44.14 -39.42
N PRO A 476 -2.06 -43.55 -39.92
CA PRO A 476 -2.06 -43.07 -41.31
C PRO A 476 -1.25 -41.76 -41.51
N GLY A 477 -0.79 -41.14 -40.40
CA GLY A 477 -0.02 -39.90 -40.43
C GLY A 477 -0.88 -38.66 -40.25
N VAL A 478 -0.23 -37.49 -40.43
CA VAL A 478 -0.85 -36.17 -40.30
C VAL A 478 -0.83 -35.35 -41.61
N ARG A 479 -0.25 -35.90 -42.70
CA ARG A 479 -0.20 -35.26 -44.00
C ARG A 479 -1.54 -35.63 -44.66
N PRO A 480 -2.41 -34.67 -45.03
CA PRO A 480 -3.72 -35.03 -45.60
C PRO A 480 -3.61 -35.57 -47.02
N GLU B 3 8.74 45.23 51.14
CA GLU B 3 9.28 46.58 51.19
C GLU B 3 10.35 46.74 50.10
N GLN B 4 10.15 47.71 49.17
CA GLN B 4 11.12 47.98 48.11
C GLN B 4 12.35 48.73 48.64
N MET B 5 12.20 49.50 49.74
CA MET B 5 13.33 50.23 50.31
C MET B 5 14.43 49.29 50.85
N ARG B 6 14.07 48.07 51.27
CA ARG B 6 15.06 47.10 51.77
C ARG B 6 15.86 46.51 50.60
N LEU B 7 15.22 46.32 49.43
CA LEU B 7 15.90 45.77 48.26
C LEU B 7 16.90 46.77 47.66
N PRO B 8 17.92 46.33 46.89
CA PRO B 8 18.87 47.30 46.33
C PRO B 8 18.27 48.31 45.37
N SER B 9 19.02 49.37 45.06
CA SER B 9 18.57 50.43 44.16
C SER B 9 18.84 50.05 42.71
N ALA B 10 18.00 50.56 41.79
CA ALA B 10 18.12 50.29 40.36
C ALA B 10 19.42 50.82 39.74
N ASP B 11 20.02 51.85 40.34
CA ASP B 11 21.27 52.42 39.83
C ASP B 11 22.52 51.57 40.16
N VAL B 12 22.38 50.53 41.01
CA VAL B 12 23.49 49.63 41.39
C VAL B 12 23.14 48.14 41.20
N TYR B 13 21.90 47.78 40.80
CA TYR B 13 21.48 46.38 40.66
C TYR B 13 20.22 46.26 39.79
N ARG B 14 20.31 45.52 38.68
CA ARG B 14 19.22 45.37 37.72
C ARG B 14 18.14 44.34 38.08
N PHE B 15 18.33 43.49 39.10
CA PHE B 15 17.35 42.44 39.41
C PHE B 15 16.48 42.73 40.63
N ALA B 16 16.29 44.00 41.00
CA ALA B 16 15.48 44.35 42.17
C ALA B 16 14.33 45.32 41.87
N GLU B 17 14.00 45.58 40.59
CA GLU B 17 12.88 46.45 40.25
C GLU B 17 11.56 45.74 40.60
N PRO B 18 10.46 46.45 40.97
CA PRO B 18 9.21 45.74 41.29
C PRO B 18 8.54 45.11 40.08
N ASP B 19 7.79 44.03 40.30
CA ASP B 19 7.04 43.39 39.24
C ASP B 19 5.95 44.33 38.72
N SER B 20 5.61 44.22 37.43
CA SER B 20 4.57 45.02 36.79
C SER B 20 4.02 44.30 35.55
N GLU B 21 2.90 44.80 35.02
CA GLU B 21 2.27 44.22 33.84
C GLU B 21 3.16 44.32 32.59
N GLU B 22 4.13 45.26 32.54
CA GLU B 22 5.01 45.42 31.39
C GLU B 22 6.39 44.74 31.57
N ASN B 23 6.57 43.86 32.56
CA ASN B 23 7.83 43.13 32.72
C ASN B 23 7.65 41.64 33.09
N ILE B 24 6.47 41.21 33.58
CA ILE B 24 6.23 39.79 33.91
C ILE B 24 4.73 39.46 33.92
N ILE B 25 4.35 38.30 33.33
CA ILE B 25 2.95 37.82 33.32
C ILE B 25 2.94 36.41 33.88
N PHE B 26 1.83 36.03 34.53
CA PHE B 26 1.63 34.69 35.08
C PHE B 26 0.38 34.05 34.48
N GLU B 27 0.34 32.71 34.49
CA GLU B 27 -0.78 31.95 33.91
C GLU B 27 -2.07 32.09 34.73
N GLY B 35 0.81 28.46 46.71
CA GLY B 35 1.69 27.69 45.82
C GLY B 35 2.62 28.56 44.99
N ILE B 36 3.47 27.92 44.18
CA ILE B 36 4.41 28.63 43.31
C ILE B 36 3.67 29.05 42.02
N PRO B 37 3.70 30.35 41.63
CA PRO B 37 3.03 30.73 40.38
C PRO B 37 3.82 30.30 39.13
N ILE B 38 3.10 30.06 38.03
CA ILE B 38 3.70 29.64 36.76
C ILE B 38 3.89 30.88 35.90
N ILE B 39 5.12 31.10 35.41
CA ILE B 39 5.42 32.27 34.58
C ILE B 39 4.97 32.07 33.13
N LYS B 40 4.06 32.95 32.65
CA LYS B 40 3.59 32.92 31.27
C LYS B 40 4.58 33.66 30.37
N ALA B 41 5.06 34.84 30.81
CA ALA B 41 5.98 35.65 30.02
C ALA B 41 6.79 36.62 30.91
N GLY B 42 7.87 37.17 30.38
CA GLY B 42 8.70 38.12 31.10
C GLY B 42 9.93 38.55 30.33
N THR B 43 10.55 39.64 30.77
CA THR B 43 11.80 40.12 30.17
C THR B 43 12.93 39.16 30.61
N VAL B 44 14.11 39.21 29.96
CA VAL B 44 15.23 38.33 30.35
C VAL B 44 15.59 38.55 31.83
N ILE B 45 15.67 39.83 32.27
CA ILE B 45 16.03 40.21 33.65
C ILE B 45 15.04 39.60 34.66
N LYS B 46 13.74 39.70 34.39
CA LYS B 46 12.72 39.15 35.29
C LYS B 46 12.75 37.61 35.30
N LEU B 47 13.13 36.97 34.19
CA LEU B 47 13.24 35.51 34.13
C LEU B 47 14.47 35.05 34.92
N ILE B 48 15.59 35.79 34.86
CA ILE B 48 16.79 35.49 35.61
C ILE B 48 16.51 35.65 37.11
N GLU B 49 15.82 36.74 37.48
CA GLU B 49 15.43 37.04 38.85
C GLU B 49 14.60 35.91 39.45
N ARG B 50 13.60 35.41 38.71
CA ARG B 50 12.75 34.31 39.15
C ARG B 50 13.44 32.96 39.10
N LEU B 51 14.40 32.80 38.18
CA LEU B 51 15.24 31.60 38.09
C LEU B 51 16.09 31.44 39.38
N THR B 52 16.39 32.54 40.07
CA THR B 52 17.17 32.58 41.28
C THR B 52 16.45 33.40 42.37
N TYR B 53 15.13 33.16 42.54
CA TYR B 53 14.29 33.89 43.48
C TYR B 53 14.67 33.57 44.92
N HIS B 54 14.61 34.58 45.83
CA HIS B 54 14.97 34.40 47.24
C HIS B 54 13.93 33.66 48.10
N MET B 55 12.64 33.85 47.84
CA MET B 55 11.55 33.27 48.63
C MET B 55 11.46 31.74 48.57
N TYR B 56 11.72 31.15 47.41
CA TYR B 56 11.56 29.70 47.25
C TYR B 56 12.35 29.14 46.09
N ALA B 57 12.67 27.84 46.17
CA ALA B 57 13.32 27.13 45.08
C ALA B 57 12.23 26.79 44.05
N ASP B 58 12.59 26.61 42.78
CA ASP B 58 11.62 26.33 41.72
C ASP B 58 12.25 25.37 40.73
N PRO B 59 12.39 24.08 41.14
CA PRO B 59 13.05 23.10 40.27
C PRO B 59 12.47 22.96 38.86
N ASN B 60 11.14 23.07 38.75
CA ASN B 60 10.46 22.96 37.46
C ASN B 60 10.84 24.10 36.52
N PHE B 61 10.89 25.33 37.03
CA PHE B 61 11.25 26.48 36.20
C PHE B 61 12.73 26.40 35.81
N VAL B 62 13.60 25.98 36.74
CA VAL B 62 15.03 25.83 36.43
C VAL B 62 15.24 24.79 35.29
N ARG B 63 14.49 23.67 35.32
CA ARG B 63 14.58 22.63 34.30
C ARG B 63 14.21 23.18 32.91
N THR B 64 13.05 23.82 32.84
CA THR B 64 12.51 24.37 31.59
C THR B 64 13.37 25.51 31.05
N PHE B 65 13.87 26.38 31.94
CA PHE B 65 14.72 27.50 31.56
C PHE B 65 16.02 26.99 30.93
N LEU B 66 16.71 26.04 31.56
CA LEU B 66 17.99 25.55 31.04
C LEU B 66 17.83 24.65 29.80
N THR B 67 16.63 24.12 29.53
CA THR B 67 16.38 23.35 28.33
C THR B 67 16.12 24.29 27.13
N THR B 68 15.39 25.40 27.38
CA THR B 68 14.91 26.30 26.35
C THR B 68 15.55 27.71 26.23
N TYR B 69 16.42 28.11 27.16
CA TYR B 69 16.98 29.47 27.16
C TYR B 69 17.67 29.89 25.86
N ARG B 70 18.32 28.94 25.15
CA ARG B 70 19.06 29.25 23.92
C ARG B 70 18.18 29.88 22.82
N SER B 71 16.85 29.69 22.88
CA SER B 71 15.91 30.31 21.93
C SER B 71 15.70 31.81 22.17
N PHE B 72 16.14 32.36 23.32
CA PHE B 72 16.01 33.79 23.61
C PHE B 72 17.25 34.40 24.28
N CYS B 73 18.31 33.62 24.51
CA CYS B 73 19.50 34.09 25.22
C CYS B 73 20.71 33.19 24.88
N LYS B 74 21.88 33.79 24.59
CA LYS B 74 23.07 32.99 24.27
C LYS B 74 23.73 32.45 25.55
N PRO B 75 24.44 31.29 25.51
CA PRO B 75 25.09 30.79 26.73
C PRO B 75 26.03 31.79 27.43
N GLN B 76 26.84 32.53 26.65
CA GLN B 76 27.77 33.51 27.20
C GLN B 76 27.00 34.61 27.94
N GLU B 77 25.87 35.05 27.36
CA GLU B 77 25.01 36.08 27.95
C GLU B 77 24.37 35.58 29.24
N LEU B 78 23.85 34.33 29.28
CA LEU B 78 23.26 33.76 30.48
C LEU B 78 24.28 33.71 31.61
N LEU B 79 25.52 33.31 31.30
CA LEU B 79 26.58 33.26 32.31
C LEU B 79 26.86 34.65 32.87
N SER B 80 26.91 35.67 32.00
CA SER B 80 27.13 37.05 32.44
C SER B 80 26.00 37.53 33.38
N LEU B 81 24.74 37.22 33.02
CA LEU B 81 23.58 37.63 33.80
C LEU B 81 23.52 37.00 35.20
N ILE B 82 23.80 35.68 35.33
CA ILE B 82 23.73 35.03 36.64
C ILE B 82 24.89 35.44 37.55
N ILE B 83 26.04 35.80 36.97
CA ILE B 83 27.18 36.32 37.75
C ILE B 83 26.77 37.70 38.30
N GLU B 84 26.15 38.55 37.44
CA GLU B 84 25.65 39.88 37.80
C GLU B 84 24.62 39.77 38.94
N ARG B 85 23.72 38.77 38.87
CA ARG B 85 22.70 38.51 39.89
C ARG B 85 23.34 38.11 41.22
N PHE B 86 24.43 37.34 41.17
CA PHE B 86 25.16 36.88 42.35
C PHE B 86 25.79 38.05 43.10
N GLU B 87 26.31 39.05 42.36
CA GLU B 87 26.96 40.23 42.92
C GLU B 87 25.95 41.27 43.41
N ILE B 88 25.41 41.06 44.62
CA ILE B 88 24.41 41.93 45.23
C ILE B 88 25.09 42.98 46.12
N PRO B 89 24.82 44.29 45.90
CA PRO B 89 25.42 45.31 46.78
C PRO B 89 24.74 45.34 48.14
N GLU B 90 25.54 45.49 49.21
CA GLU B 90 25.02 45.56 50.56
C GLU B 90 24.64 46.99 50.90
N PRO B 91 23.60 47.20 51.74
CA PRO B 91 23.22 48.57 52.08
C PRO B 91 24.25 49.27 52.96
N GLU B 92 24.20 50.61 52.95
CA GLU B 92 25.06 51.43 53.80
C GLU B 92 24.64 51.26 55.26
N PRO B 93 25.55 51.47 56.23
CA PRO B 93 25.13 51.37 57.65
C PRO B 93 24.20 52.50 58.04
N THR B 94 23.33 52.25 59.02
CA THR B 94 22.43 53.29 59.52
C THR B 94 23.25 54.43 60.16
N GLU B 95 22.66 55.61 60.34
CA GLU B 95 23.37 56.74 60.93
C GLU B 95 24.00 56.41 62.29
N ALA B 96 23.28 55.67 63.14
CA ALA B 96 23.80 55.27 64.45
C ALA B 96 25.04 54.36 64.29
N ASP B 97 24.99 53.40 63.34
CA ASP B 97 26.11 52.48 63.06
C ASP B 97 27.29 53.21 62.41
N ARG B 98 27.02 54.26 61.64
CA ARG B 98 28.05 55.10 61.04
C ARG B 98 28.86 55.79 62.17
N ILE B 99 28.15 56.28 63.21
CA ILE B 99 28.78 56.91 64.38
C ILE B 99 29.60 55.87 65.14
N ALA B 100 29.02 54.67 65.33
CA ALA B 100 29.68 53.57 66.03
C ALA B 100 30.99 53.14 65.32
N ILE B 101 30.96 52.98 63.99
CA ILE B 101 32.12 52.58 63.19
C ILE B 101 33.21 53.65 63.24
N GLU B 102 32.81 54.93 63.06
CA GLU B 102 33.79 56.03 63.09
C GLU B 102 34.45 56.24 64.46
N ASN B 103 33.96 55.54 65.52
CA ASN B 103 34.51 55.55 66.86
C ASN B 103 35.27 54.22 67.20
N GLY B 104 35.54 53.39 66.19
CA GLY B 104 36.23 52.12 66.39
C GLY B 104 35.41 51.01 67.02
N ASP B 105 34.10 51.23 67.22
CA ASP B 105 33.22 50.24 67.83
C ASP B 105 32.52 49.38 66.78
N GLN B 106 32.07 48.20 67.20
CA GLN B 106 31.36 47.28 66.32
C GLN B 106 29.93 47.77 66.14
N PRO B 107 29.44 47.91 64.89
CA PRO B 107 28.06 48.34 64.68
C PRO B 107 27.06 47.23 64.98
N LEU B 108 25.78 47.60 65.17
CA LEU B 108 24.73 46.63 65.40
C LEU B 108 24.45 45.90 64.08
N SER B 109 24.33 46.64 62.97
CA SER B 109 24.13 46.10 61.61
C SER B 109 22.94 45.13 61.57
N ALA B 110 21.81 45.51 62.19
CA ALA B 110 20.63 44.65 62.27
C ALA B 110 19.99 44.39 60.88
N GLU B 111 19.79 45.45 60.08
CA GLU B 111 19.18 45.31 58.75
C GLU B 111 20.16 44.66 57.79
N LEU B 112 21.44 45.03 57.88
CA LEU B 112 22.48 44.43 57.02
C LEU B 112 22.56 42.90 57.25
N LYS B 113 22.56 42.44 58.51
CA LYS B 113 22.58 41.00 58.83
C LYS B 113 21.31 40.32 58.32
N ARG B 114 20.15 41.01 58.43
CA ARG B 114 18.85 40.48 57.98
C ARG B 114 18.84 40.32 56.43
N PHE B 115 19.32 41.34 55.70
CA PHE B 115 19.39 41.32 54.23
C PHE B 115 20.35 40.24 53.73
N ARG B 116 21.44 39.99 54.45
CA ARG B 116 22.38 38.92 54.07
C ARG B 116 21.72 37.54 54.24
N LYS B 117 21.01 37.32 55.34
CA LYS B 117 20.38 36.03 55.65
C LYS B 117 19.13 35.76 54.80
N GLU B 118 18.27 36.77 54.61
CA GLU B 118 16.99 36.62 53.91
C GLU B 118 17.01 36.95 52.41
N TYR B 119 18.07 37.62 51.88
CA TYR B 119 18.14 37.96 50.45
C TYR B 119 19.48 37.54 49.77
N ILE B 120 20.64 38.01 50.27
CA ILE B 120 21.92 37.70 49.59
C ILE B 120 22.24 36.21 49.61
N GLN B 121 22.21 35.58 50.78
CA GLN B 121 22.59 34.16 50.90
C GLN B 121 21.65 33.27 50.05
N PRO B 122 20.31 33.42 50.14
CA PRO B 122 19.43 32.58 49.30
C PRO B 122 19.62 32.77 47.80
N VAL B 123 19.77 34.03 47.31
CA VAL B 123 19.95 34.31 45.88
C VAL B 123 21.27 33.73 45.39
N GLN B 124 22.36 33.92 46.16
CA GLN B 124 23.67 33.40 45.77
C GLN B 124 23.66 31.86 45.72
N LEU B 125 22.94 31.20 46.65
CA LEU B 125 22.80 29.74 46.65
C LEU B 125 21.92 29.29 45.46
N ARG B 126 20.92 30.09 45.06
CA ARG B 126 20.09 29.76 43.92
C ARG B 126 20.90 29.88 42.63
N VAL B 127 21.83 30.86 42.53
CA VAL B 127 22.69 31.03 41.36
C VAL B 127 23.63 29.82 41.23
N LEU B 128 24.15 29.31 42.35
CA LEU B 128 25.02 28.14 42.33
C LEU B 128 24.24 26.86 41.94
N ASN B 129 22.94 26.79 42.30
CA ASN B 129 22.08 25.67 41.94
C ASN B 129 21.86 25.65 40.41
N VAL B 130 21.70 26.84 39.80
CA VAL B 130 21.56 26.99 38.35
C VAL B 130 22.86 26.50 37.67
N CYS B 131 24.03 26.87 38.22
CA CYS B 131 25.34 26.43 37.68
C CYS B 131 25.46 24.91 37.75
N ARG B 132 25.00 24.32 38.87
CA ARG B 132 25.06 22.86 39.10
C ARG B 132 24.17 22.10 38.10
N HIS B 133 22.94 22.58 37.89
CA HIS B 133 22.02 21.93 36.94
C HIS B 133 22.54 22.13 35.50
N TRP B 134 23.15 23.30 35.21
CA TRP B 134 23.69 23.65 33.90
C TRP B 134 24.78 22.65 33.47
N VAL B 135 25.75 22.36 34.34
CA VAL B 135 26.84 21.43 34.02
C VAL B 135 26.42 19.96 34.11
N GLU B 136 25.43 19.63 34.95
CA GLU B 136 24.98 18.25 35.09
C GLU B 136 24.14 17.78 33.90
N HIS B 137 23.16 18.60 33.49
CA HIS B 137 22.25 18.21 32.41
C HIS B 137 22.50 18.86 31.05
N HIS B 138 23.37 19.89 30.96
CA HIS B 138 23.66 20.57 29.69
C HIS B 138 25.16 20.85 29.49
N PHE B 139 26.03 19.88 29.83
CA PHE B 139 27.48 20.08 29.69
C PHE B 139 27.92 20.35 28.25
N TYR B 140 27.14 19.91 27.25
CA TYR B 140 27.45 20.17 25.86
C TYR B 140 27.68 21.67 25.55
N ASP B 141 27.06 22.59 26.31
CA ASP B 141 27.27 24.03 26.14
C ASP B 141 28.75 24.39 26.39
N PHE B 142 29.36 23.75 27.38
CA PHE B 142 30.74 23.97 27.79
C PHE B 142 31.73 23.22 26.89
N GLU B 143 31.31 22.08 26.30
CA GLU B 143 32.16 21.34 25.37
C GLU B 143 32.25 22.12 24.05
N ARG B 144 31.12 22.71 23.61
CA ARG B 144 31.06 23.53 22.39
C ARG B 144 31.78 24.86 22.57
N ASP B 145 31.81 25.41 23.78
CA ASP B 145 32.48 26.69 24.05
C ASP B 145 33.47 26.54 25.21
N ALA B 146 34.76 26.36 24.90
CA ALA B 146 35.80 26.22 25.93
C ALA B 146 36.01 27.53 26.71
N TYR B 147 35.76 28.68 26.07
CA TYR B 147 35.87 29.99 26.72
C TYR B 147 34.79 30.12 27.82
N LEU B 148 33.58 29.55 27.59
CA LEU B 148 32.46 29.53 28.55
C LEU B 148 32.82 28.71 29.77
N LEU B 149 33.52 27.57 29.58
CA LEU B 149 33.89 26.71 30.70
C LEU B 149 34.91 27.39 31.61
N GLN B 150 35.97 27.98 31.05
CA GLN B 150 36.97 28.67 31.87
C GLN B 150 36.39 29.89 32.59
N ARG B 151 35.36 30.54 32.02
CA ARG B 151 34.68 31.64 32.70
C ARG B 151 33.94 31.09 33.94
N MET B 152 33.20 29.98 33.76
CA MET B 152 32.46 29.32 34.85
C MET B 152 33.42 28.86 35.95
N GLU B 153 34.54 28.22 35.58
CA GLU B 153 35.50 27.72 36.55
C GLU B 153 36.20 28.87 37.31
N GLU B 154 36.41 30.03 36.65
CA GLU B 154 36.99 31.20 37.30
C GLU B 154 36.00 31.75 38.32
N PHE B 155 34.71 31.80 37.96
CA PHE B 155 33.66 32.28 38.85
C PHE B 155 33.53 31.36 40.09
N ILE B 156 33.26 30.07 39.86
CA ILE B 156 33.14 29.06 40.91
C ILE B 156 34.40 29.06 41.82
N GLY B 157 35.58 29.12 41.19
CA GLY B 157 36.87 29.17 41.86
C GLY B 157 37.12 30.36 42.77
N THR B 158 36.48 31.52 42.50
CA THR B 158 36.66 32.73 43.32
C THR B 158 35.56 32.93 44.38
N VAL B 159 34.52 32.08 44.40
CA VAL B 159 33.45 32.15 45.40
C VAL B 159 34.01 31.85 46.80
N ARG B 160 33.61 32.64 47.82
CA ARG B 160 34.08 32.51 49.20
C ARG B 160 32.89 32.47 50.16
N GLY B 161 32.82 31.44 50.99
CA GLY B 161 31.72 31.29 51.94
C GLY B 161 31.72 29.96 52.68
N LYS B 162 30.86 29.87 53.70
CA LYS B 162 30.72 28.68 54.56
C LYS B 162 29.81 27.65 53.86
N ALA B 163 28.54 28.02 53.59
CA ALA B 163 27.58 27.17 52.86
C ALA B 163 27.90 27.09 51.36
N MET B 164 28.64 28.08 50.83
CA MET B 164 29.04 28.15 49.43
C MET B 164 30.01 26.99 49.16
N LYS B 165 30.98 26.76 50.07
CA LYS B 165 32.01 25.71 49.97
C LYS B 165 31.47 24.33 49.47
N LYS B 166 30.36 23.84 50.07
CA LYS B 166 29.81 22.55 49.68
C LYS B 166 29.27 22.57 48.23
N TRP B 167 28.67 23.69 47.82
CA TRP B 167 28.15 23.82 46.46
C TRP B 167 29.28 23.92 45.42
N VAL B 168 30.34 24.68 45.73
CA VAL B 168 31.49 24.85 44.83
C VAL B 168 32.13 23.47 44.52
N GLU B 169 32.31 22.64 45.55
CA GLU B 169 32.92 21.33 45.38
C GLU B 169 32.03 20.38 44.56
N SER B 170 30.69 20.41 44.77
CA SER B 170 29.78 19.55 44.02
C SER B 170 29.74 19.95 42.54
N ILE B 171 29.78 21.25 42.24
CA ILE B 171 29.77 21.72 40.85
C ILE B 171 31.06 21.31 40.16
N THR B 172 32.20 21.52 40.84
CA THR B 172 33.51 21.20 40.28
C THR B 172 33.65 19.69 40.04
N LYS B 173 33.13 18.85 40.96
CA LYS B 173 33.22 17.40 40.79
C LYS B 173 32.40 16.93 39.57
N ILE B 174 31.26 17.57 39.29
CA ILE B 174 30.44 17.25 38.13
C ILE B 174 31.21 17.57 36.84
N ILE B 175 31.79 18.78 36.76
CA ILE B 175 32.56 19.24 35.59
C ILE B 175 33.66 18.21 35.23
N GLN B 176 34.43 17.78 36.23
CA GLN B 176 35.52 16.82 36.01
C GLN B 176 35.00 15.43 35.62
N ARG B 177 33.88 14.98 36.21
CA ARG B 177 33.26 13.71 35.84
C ARG B 177 32.77 13.77 34.37
N LYS B 178 32.24 14.91 33.93
CA LYS B 178 31.79 15.11 32.55
C LYS B 178 33.01 15.16 31.59
N LYS B 179 34.12 15.74 32.04
CA LYS B 179 35.35 15.80 31.25
C LYS B 179 35.89 14.38 31.06
N ILE B 180 35.84 13.54 32.11
CA ILE B 180 36.30 12.15 32.07
C ILE B 180 35.36 11.29 31.20
N ALA B 181 34.06 11.62 31.17
CA ALA B 181 33.10 10.90 30.33
C ALA B 181 33.42 11.04 28.83
N ARG B 182 34.08 12.15 28.43
CA ARG B 182 34.45 12.35 27.03
C ARG B 182 35.67 11.50 26.65
N THR B 191 24.68 -3.65 31.83
CA THR B 191 24.65 -5.07 31.48
C THR B 191 23.21 -5.64 31.52
N PHE B 192 23.01 -6.87 31.00
CA PHE B 192 21.70 -7.53 30.92
C PHE B 192 21.62 -8.82 31.69
N GLN B 193 20.43 -9.13 32.22
CA GLN B 193 20.16 -10.34 33.00
C GLN B 193 20.11 -11.60 32.13
N SER B 194 19.61 -11.49 30.88
CA SER B 194 19.56 -12.62 29.96
C SER B 194 20.60 -12.46 28.85
N SER B 195 21.07 -13.58 28.29
CA SER B 195 21.99 -13.55 27.17
C SER B 195 21.17 -13.22 25.90
N PRO B 196 21.76 -12.49 24.94
CA PRO B 196 21.01 -12.14 23.73
C PRO B 196 20.78 -13.33 22.80
N PRO B 197 19.76 -13.27 21.92
CA PRO B 197 19.55 -14.38 20.99
C PRO B 197 20.69 -14.57 19.99
N THR B 198 20.70 -15.73 19.32
CA THR B 198 21.75 -16.04 18.36
C THR B 198 21.62 -15.17 17.11
N VAL B 199 22.75 -14.61 16.64
CA VAL B 199 22.78 -13.78 15.44
C VAL B 199 22.41 -14.66 14.24
N GLU B 200 21.31 -14.32 13.57
CA GLU B 200 20.80 -15.07 12.43
C GLU B 200 21.51 -14.70 11.14
N TRP B 201 21.81 -15.71 10.30
CA TRP B 201 22.41 -15.57 8.97
C TRP B 201 21.53 -16.27 7.93
N HIS B 202 21.53 -15.77 6.68
CA HIS B 202 20.72 -16.33 5.59
C HIS B 202 21.64 -16.81 4.42
N ILE B 203 21.93 -15.98 3.39
CA ILE B 203 22.79 -16.38 2.28
C ILE B 203 24.21 -15.86 2.51
N SER B 204 24.34 -14.56 2.85
CA SER B 204 25.63 -13.93 3.15
C SER B 204 26.22 -14.54 4.41
N ARG B 205 27.50 -14.95 4.35
CA ARG B 205 28.15 -15.56 5.50
C ARG B 205 28.90 -14.48 6.28
N PRO B 206 29.10 -14.66 7.60
CA PRO B 206 29.84 -13.63 8.38
C PRO B 206 31.18 -13.22 7.76
N GLY B 207 31.50 -11.93 7.81
CA GLY B 207 32.74 -11.39 7.26
C GLY B 207 32.70 -11.06 5.77
N HIS B 208 31.80 -11.70 5.00
CA HIS B 208 31.69 -11.47 3.56
C HIS B 208 30.83 -10.21 3.29
N ILE B 209 31.30 -9.05 3.77
CA ILE B 209 30.63 -7.76 3.63
C ILE B 209 30.34 -7.40 2.17
N GLU B 210 31.23 -7.84 1.27
CA GLU B 210 31.10 -7.67 -0.18
C GLU B 210 29.73 -8.15 -0.71
N THR B 211 29.16 -9.21 -0.10
CA THR B 211 27.88 -9.78 -0.52
C THR B 211 26.66 -9.21 0.21
N PHE B 212 26.85 -8.40 1.27
CA PHE B 212 25.75 -7.89 2.06
C PHE B 212 24.78 -7.06 1.25
N ASP B 213 23.48 -7.38 1.37
CA ASP B 213 22.39 -6.65 0.70
C ASP B 213 21.04 -7.01 1.38
N LEU B 214 19.94 -6.42 0.92
CA LEU B 214 18.62 -6.65 1.51
C LEU B 214 18.21 -8.13 1.54
N LEU B 215 18.35 -8.85 0.42
CA LEU B 215 17.92 -10.25 0.34
C LEU B 215 18.98 -11.27 0.80
N THR B 216 20.27 -10.91 0.86
CA THR B 216 21.31 -11.84 1.28
C THR B 216 21.42 -11.91 2.82
N LEU B 217 21.23 -10.78 3.51
CA LEU B 217 21.22 -10.77 4.98
C LEU B 217 19.88 -11.34 5.49
N HIS B 218 19.85 -11.85 6.72
CA HIS B 218 18.62 -12.45 7.27
C HIS B 218 17.61 -11.33 7.67
N PRO B 219 16.31 -11.44 7.32
CA PRO B 219 15.37 -10.36 7.69
C PRO B 219 15.25 -10.11 9.19
N ILE B 220 15.46 -11.14 10.03
CA ILE B 220 15.39 -10.95 11.48
C ILE B 220 16.57 -10.07 11.91
N GLU B 221 17.78 -10.41 11.43
CA GLU B 221 18.98 -9.69 11.83
C GLU B 221 19.04 -8.27 11.28
N ILE B 222 18.44 -8.01 10.12
CA ILE B 222 18.39 -6.65 9.57
C ILE B 222 17.59 -5.75 10.53
N ALA B 223 16.40 -6.21 10.95
CA ALA B 223 15.54 -5.47 11.86
C ALA B 223 16.17 -5.34 13.26
N ARG B 224 16.94 -6.34 13.70
CA ARG B 224 17.61 -6.29 15.01
C ARG B 224 18.73 -5.26 15.03
N GLN B 225 19.58 -5.25 13.98
CA GLN B 225 20.71 -4.33 13.92
C GLN B 225 20.25 -2.90 13.63
N LEU B 226 19.18 -2.74 12.83
CA LEU B 226 18.63 -1.40 12.60
C LEU B 226 18.00 -0.90 13.90
N THR B 227 17.35 -1.78 14.68
CA THR B 227 16.73 -1.40 15.96
C THR B 227 17.77 -0.93 16.97
N LEU B 228 18.94 -1.57 16.99
CA LEU B 228 20.03 -1.17 17.88
C LEU B 228 20.60 0.19 17.43
N LEU B 229 20.76 0.37 16.12
CA LEU B 229 21.27 1.61 15.52
C LEU B 229 20.32 2.78 15.79
N GLU B 230 19.02 2.57 15.57
CA GLU B 230 17.99 3.60 15.78
C GLU B 230 17.76 3.87 17.26
N SER B 231 17.95 2.86 18.13
CA SER B 231 17.80 3.05 19.58
C SER B 231 18.96 3.96 20.05
N ASP B 232 20.19 3.67 19.61
CA ASP B 232 21.35 4.48 19.94
C ASP B 232 21.19 5.92 19.45
N LEU B 233 20.63 6.13 18.26
CA LEU B 233 20.45 7.47 17.72
C LEU B 233 19.38 8.23 18.50
N TYR B 234 18.29 7.54 18.87
CA TYR B 234 17.18 8.16 19.62
C TYR B 234 17.67 8.69 20.97
N ARG B 235 18.48 7.90 21.67
CA ARG B 235 19.04 8.23 22.98
C ARG B 235 20.02 9.40 22.93
N ALA B 236 20.80 9.55 21.85
CA ALA B 236 21.78 10.63 21.75
C ALA B 236 21.18 12.03 21.61
N VAL B 237 19.90 12.14 21.20
CA VAL B 237 19.28 13.45 20.99
C VAL B 237 18.99 14.15 22.32
N GLN B 238 19.36 15.44 22.41
CA GLN B 238 19.13 16.25 23.60
C GLN B 238 17.94 17.19 23.38
N PRO B 239 17.06 17.38 24.39
CA PRO B 239 15.93 18.33 24.20
C PRO B 239 16.26 19.70 23.56
N SER B 240 17.43 20.29 23.89
CA SER B 240 17.82 21.60 23.34
C SER B 240 17.98 21.59 21.81
N GLU B 241 18.35 20.44 21.23
CA GLU B 241 18.49 20.30 19.77
C GLU B 241 17.17 20.54 19.03
N LEU B 242 16.02 20.36 19.71
CA LEU B 242 14.69 20.54 19.14
C LEU B 242 14.05 21.91 19.45
N VAL B 243 14.59 22.66 20.42
CA VAL B 243 14.00 23.94 20.81
C VAL B 243 14.33 25.06 19.80
N GLY B 244 13.36 25.94 19.56
CA GLY B 244 13.52 27.07 18.65
C GLY B 244 13.68 26.69 17.19
N SER B 245 13.38 25.41 16.83
CA SER B 245 13.54 24.87 15.46
C SER B 245 14.96 25.10 14.94
N VAL B 246 15.98 24.92 15.81
CA VAL B 246 17.38 25.16 15.44
C VAL B 246 17.93 24.14 14.43
N TRP B 247 17.30 22.97 14.28
CA TRP B 247 17.75 22.02 13.24
C TRP B 247 17.37 22.48 11.82
N THR B 248 16.42 23.43 11.70
CA THR B 248 15.99 24.03 10.43
C THR B 248 16.75 25.35 10.15
N LYS B 249 17.46 25.92 11.16
CA LYS B 249 18.20 27.18 11.03
C LYS B 249 19.58 26.94 10.38
N GLU B 250 20.37 28.01 10.18
CA GLU B 250 21.67 27.93 9.52
C GLU B 250 22.71 27.13 10.35
N ASP B 251 22.90 27.42 11.67
CA ASP B 251 23.89 26.68 12.48
C ASP B 251 23.32 25.35 13.03
N LYS B 252 22.60 24.61 12.18
CA LYS B 252 22.00 23.33 12.55
C LYS B 252 23.00 22.21 12.90
N GLU B 253 24.18 22.20 12.27
CA GLU B 253 25.17 21.15 12.48
C GLU B 253 25.78 21.14 13.90
N ILE B 254 25.98 22.32 14.51
CA ILE B 254 26.55 22.40 15.86
C ILE B 254 25.45 22.23 16.92
N ASN B 255 24.32 22.94 16.75
CA ASN B 255 23.22 22.92 17.71
C ASN B 255 22.45 21.59 17.74
N SER B 256 22.30 20.94 16.58
CA SER B 256 21.53 19.70 16.44
C SER B 256 22.33 18.61 15.69
N PRO B 257 23.43 18.09 16.29
CA PRO B 257 24.22 17.07 15.59
C PRO B 257 23.59 15.66 15.64
N ASN B 258 23.12 15.24 16.82
CA ASN B 258 22.51 13.93 17.02
C ASN B 258 21.12 13.84 16.38
N LEU B 259 20.38 14.95 16.39
CA LEU B 259 19.06 15.02 15.77
C LEU B 259 19.17 14.91 14.24
N LEU B 260 20.12 15.64 13.63
CA LEU B 260 20.32 15.55 12.18
C LEU B 260 20.81 14.15 11.75
N LYS B 261 21.50 13.41 12.64
CA LYS B 261 21.92 12.05 12.34
C LYS B 261 20.68 11.15 12.27
N MET B 262 19.72 11.34 13.20
CA MET B 262 18.47 10.58 13.26
C MET B 262 17.65 10.82 11.99
N ILE B 263 17.54 12.09 11.56
CA ILE B 263 16.79 12.44 10.36
C ILE B 263 17.46 11.89 9.08
N ARG B 264 18.78 12.04 8.98
CA ARG B 264 19.51 11.56 7.81
C ARG B 264 19.44 10.03 7.71
N HIS B 265 19.47 9.31 8.84
CA HIS B 265 19.37 7.86 8.84
C HIS B 265 17.98 7.46 8.32
N THR B 266 16.93 8.12 8.84
CA THR B 266 15.56 7.85 8.43
C THR B 266 15.37 8.12 6.92
N THR B 267 15.98 9.19 6.41
CA THR B 267 15.89 9.54 4.99
C THR B 267 16.66 8.48 4.17
N ASN B 268 17.89 8.16 4.57
CA ASN B 268 18.71 7.18 3.85
C ASN B 268 18.08 5.77 3.81
N LEU B 269 17.54 5.29 4.95
CA LEU B 269 16.93 3.97 5.00
C LEU B 269 15.63 3.91 4.20
N THR B 270 14.75 4.92 4.35
CA THR B 270 13.47 4.98 3.63
C THR B 270 13.72 5.01 2.12
N LEU B 271 14.67 5.85 1.68
CA LEU B 271 15.00 5.95 0.25
C LEU B 271 15.71 4.70 -0.26
N TRP B 272 16.47 4.01 0.62
CA TRP B 272 17.14 2.78 0.25
C TRP B 272 16.10 1.70 -0.04
N PHE B 273 15.05 1.57 0.81
CA PHE B 273 13.98 0.60 0.57
C PHE B 273 13.30 0.88 -0.79
N GLU B 274 13.01 2.14 -1.09
CA GLU B 274 12.37 2.52 -2.35
C GLU B 274 13.26 2.17 -3.54
N LYS B 275 14.57 2.43 -3.42
CA LYS B 275 15.58 2.13 -4.45
C LYS B 275 15.60 0.62 -4.71
N CYS B 276 15.64 -0.20 -3.65
CA CYS B 276 15.63 -1.65 -3.75
C CYS B 276 14.40 -2.17 -4.51
N ILE B 277 13.25 -1.49 -4.33
CA ILE B 277 12.00 -1.86 -4.96
C ILE B 277 12.00 -1.43 -6.46
N VAL B 278 12.11 -0.11 -6.75
CA VAL B 278 12.01 0.36 -8.13
C VAL B 278 13.18 -0.11 -9.02
N GLU B 279 14.40 -0.28 -8.48
CA GLU B 279 15.53 -0.74 -9.28
C GLU B 279 15.47 -2.26 -9.58
N THR B 280 14.48 -2.99 -9.04
CA THR B 280 14.28 -4.41 -9.32
C THR B 280 13.17 -4.43 -10.37
N GLU B 281 13.55 -4.48 -11.65
CA GLU B 281 12.61 -4.39 -12.76
C GLU B 281 11.76 -5.65 -12.98
N ASN B 282 12.29 -6.85 -12.68
CA ASN B 282 11.51 -8.07 -12.81
C ASN B 282 10.38 -8.06 -11.76
N LEU B 283 9.12 -8.16 -12.20
CA LEU B 283 7.96 -8.11 -11.31
C LEU B 283 8.06 -9.13 -10.16
N GLU B 284 8.28 -10.40 -10.48
CA GLU B 284 8.34 -11.47 -9.49
C GLU B 284 9.45 -11.25 -8.45
N GLU B 285 10.62 -10.73 -8.89
CA GLU B 285 11.73 -10.42 -7.99
C GLU B 285 11.38 -9.23 -7.10
N ARG B 286 10.73 -8.20 -7.68
CA ARG B 286 10.30 -7.01 -6.95
C ARG B 286 9.28 -7.38 -5.88
N VAL B 287 8.38 -8.32 -6.17
CA VAL B 287 7.40 -8.82 -5.21
C VAL B 287 8.14 -9.39 -3.96
N ALA B 288 9.21 -10.19 -4.18
CA ALA B 288 9.99 -10.78 -3.09
C ALA B 288 10.72 -9.70 -2.25
N VAL B 289 11.19 -8.63 -2.88
CA VAL B 289 11.85 -7.50 -2.20
C VAL B 289 10.82 -6.82 -1.25
N VAL B 290 9.64 -6.46 -1.77
CA VAL B 290 8.57 -5.85 -0.99
C VAL B 290 8.15 -6.79 0.15
N SER B 291 7.94 -8.07 -0.16
N SER B 291 7.96 -8.08 -0.15
CA SER B 291 7.59 -9.10 0.82
CA SER B 291 7.60 -9.11 0.83
C SER B 291 8.59 -9.18 1.97
C SER B 291 8.60 -9.15 1.99
N ARG B 292 9.90 -9.01 1.67
CA ARG B 292 10.96 -9.07 2.67
C ARG B 292 10.99 -7.82 3.52
N ILE B 293 10.70 -6.64 2.93
CA ILE B 293 10.64 -5.40 3.68
C ILE B 293 9.45 -5.45 4.66
N ILE B 294 8.31 -6.07 4.25
CA ILE B 294 7.15 -6.24 5.15
C ILE B 294 7.55 -7.18 6.30
N GLU B 295 8.31 -8.24 6.02
CA GLU B 295 8.78 -9.16 7.06
C GLU B 295 9.70 -8.41 8.03
N ILE B 296 10.56 -7.52 7.52
CA ILE B 296 11.45 -6.68 8.34
C ILE B 296 10.58 -5.80 9.29
N LEU B 297 9.44 -5.27 8.80
CA LEU B 297 8.50 -4.49 9.59
C LEU B 297 7.87 -5.36 10.69
N GLN B 298 7.56 -6.63 10.38
CA GLN B 298 6.99 -7.56 11.37
C GLN B 298 7.93 -7.76 12.54
N VAL B 299 9.24 -7.83 12.30
CA VAL B 299 10.24 -8.00 13.36
C VAL B 299 10.40 -6.67 14.14
N PHE B 300 10.26 -5.51 13.45
CA PHE B 300 10.27 -4.21 14.13
C PHE B 300 9.07 -4.16 15.11
N GLN B 301 7.90 -4.68 14.70
CA GLN B 301 6.71 -4.76 15.56
C GLN B 301 6.99 -5.66 16.77
N GLU B 302 7.64 -6.81 16.57
CA GLU B 302 7.99 -7.73 17.66
C GLU B 302 8.89 -7.04 18.69
N LEU B 303 9.83 -6.22 18.21
CA LEU B 303 10.80 -5.49 19.04
C LEU B 303 10.28 -4.12 19.53
N ASN B 304 9.03 -3.74 19.19
CA ASN B 304 8.44 -2.46 19.58
C ASN B 304 9.25 -1.26 19.05
N ASN B 305 9.87 -1.42 17.87
CA ASN B 305 10.61 -0.35 17.23
C ASN B 305 9.61 0.31 16.29
N PHE B 306 8.83 1.28 16.80
CA PHE B 306 7.85 1.97 15.99
C PHE B 306 8.49 2.95 15.01
N ASN B 307 9.73 3.39 15.27
CA ASN B 307 10.46 4.25 14.34
C ASN B 307 10.71 3.47 13.04
N GLY B 308 11.13 2.22 13.17
CA GLY B 308 11.38 1.33 12.04
C GLY B 308 10.12 0.96 11.29
N VAL B 309 9.04 0.62 12.02
CA VAL B 309 7.75 0.28 11.40
C VAL B 309 7.24 1.46 10.54
N LEU B 310 7.29 2.67 11.07
CA LEU B 310 6.79 3.83 10.35
C LEU B 310 7.77 4.34 9.26
N GLU B 311 9.02 3.82 9.22
CA GLU B 311 9.98 4.09 8.15
C GLU B 311 9.63 3.24 6.93
N VAL B 312 9.22 1.98 7.16
CA VAL B 312 8.77 1.05 6.12
C VAL B 312 7.45 1.56 5.52
N VAL B 313 6.53 2.02 6.38
CA VAL B 313 5.24 2.60 5.95
C VAL B 313 5.50 3.79 5.03
N SER B 314 6.44 4.65 5.42
CA SER B 314 6.81 5.83 4.62
C SER B 314 7.34 5.42 3.25
N ALA B 315 8.13 4.34 3.16
CA ALA B 315 8.66 3.84 1.89
C ALA B 315 7.52 3.25 1.02
N MET B 316 6.62 2.49 1.63
CA MET B 316 5.49 1.90 0.91
C MET B 316 4.46 2.95 0.46
N ASN B 317 4.37 4.07 1.16
CA ASN B 317 3.45 5.17 0.81
C ASN B 317 4.07 6.24 -0.10
N SER B 318 5.37 6.16 -0.39
CA SER B 318 6.03 7.12 -1.28
C SER B 318 5.44 7.02 -2.69
N SER B 319 5.51 8.12 -3.45
CA SER B 319 4.98 8.15 -4.82
C SER B 319 5.50 7.00 -5.73
N PRO B 320 6.80 6.64 -5.72
CA PRO B 320 7.26 5.55 -6.59
C PRO B 320 6.78 4.15 -6.21
N VAL B 321 6.58 3.87 -4.92
CA VAL B 321 6.17 2.53 -4.48
C VAL B 321 4.64 2.37 -4.38
N TYR B 322 3.93 3.40 -3.89
CA TYR B 322 2.48 3.28 -3.68
C TYR B 322 1.70 2.92 -4.96
N ARG B 323 2.17 3.42 -6.12
CA ARG B 323 1.51 3.19 -7.41
C ARG B 323 1.81 1.82 -8.09
N LEU B 324 2.63 0.94 -7.47
CA LEU B 324 2.99 -0.34 -8.04
C LEU B 324 1.95 -1.42 -7.77
N ASP B 325 0.75 -1.23 -8.34
CA ASP B 325 -0.40 -2.15 -8.19
C ASP B 325 -0.16 -3.60 -8.59
N HIS B 326 0.68 -3.85 -9.59
CA HIS B 326 0.99 -5.22 -10.03
C HIS B 326 1.84 -5.95 -8.96
N THR B 327 2.71 -5.20 -8.25
CA THR B 327 3.59 -5.73 -7.22
C THR B 327 2.77 -6.11 -5.98
N PHE B 328 1.94 -5.19 -5.46
CA PHE B 328 1.14 -5.45 -4.28
C PHE B 328 -0.01 -6.43 -4.52
N GLU B 329 -0.41 -6.66 -5.79
CA GLU B 329 -1.44 -7.67 -6.12
C GLU B 329 -0.94 -9.07 -5.71
N GLN B 330 0.34 -9.37 -5.99
CA GLN B 330 0.98 -10.65 -5.65
C GLN B 330 1.41 -10.76 -4.18
N ILE B 331 1.27 -9.70 -3.38
CA ILE B 331 1.64 -9.74 -1.96
C ILE B 331 0.51 -10.45 -1.20
N PRO B 332 0.78 -11.57 -0.49
CA PRO B 332 -0.32 -12.26 0.22
C PRO B 332 -1.18 -11.37 1.10
N SER B 333 -2.46 -11.75 1.28
CA SER B 333 -3.40 -10.99 2.10
C SER B 333 -2.93 -10.80 3.53
N ARG B 334 -2.24 -11.79 4.08
CA ARG B 334 -1.70 -11.70 5.45
C ARG B 334 -0.69 -10.55 5.56
N GLN B 335 0.22 -10.43 4.57
CA GLN B 335 1.22 -9.35 4.56
C GLN B 335 0.55 -8.01 4.31
N LYS B 336 -0.49 -8.00 3.45
CA LYS B 336 -1.25 -6.78 3.15
C LYS B 336 -1.89 -6.23 4.44
N LYS B 337 -2.62 -7.06 5.24
CA LYS B 337 -3.29 -6.64 6.48
C LYS B 337 -2.29 -6.07 7.48
N ILE B 338 -1.12 -6.73 7.61
CA ILE B 338 -0.05 -6.26 8.49
C ILE B 338 0.38 -4.85 8.11
N LEU B 339 0.52 -4.62 6.81
CA LEU B 339 0.98 -3.33 6.28
C LEU B 339 -0.11 -2.25 6.34
N GLU B 340 -1.37 -2.63 6.11
CA GLU B 340 -2.50 -1.71 6.19
C GLU B 340 -2.71 -1.25 7.65
N GLU B 341 -2.55 -2.16 8.62
CA GLU B 341 -2.66 -1.80 10.04
C GLU B 341 -1.51 -0.89 10.50
N ALA B 342 -0.33 -1.05 9.90
CA ALA B 342 0.82 -0.22 10.22
C ALA B 342 0.56 1.24 9.76
N HIS B 343 -0.14 1.42 8.62
CA HIS B 343 -0.50 2.77 8.16
C HIS B 343 -1.52 3.38 9.12
N GLU B 344 -2.50 2.56 9.58
CA GLU B 344 -3.53 2.97 10.54
C GLU B 344 -2.95 3.53 11.86
N LEU B 345 -1.68 3.21 12.16
CA LEU B 345 -0.97 3.78 13.31
C LEU B 345 -0.91 5.32 13.20
N SER B 346 -0.74 5.84 11.97
CA SER B 346 -0.60 7.27 11.68
C SER B 346 -1.92 8.05 11.53
N GLU B 347 -3.04 7.37 11.28
CA GLU B 347 -4.31 8.03 11.08
C GLU B 347 -4.85 8.69 12.35
N ASP B 348 -5.67 9.74 12.18
CA ASP B 348 -6.27 10.49 13.27
C ASP B 348 -5.18 11.07 14.19
N HIS B 349 -4.17 11.72 13.59
CA HIS B 349 -3.06 12.32 14.33
C HIS B 349 -2.36 11.30 15.23
N TYR B 350 -2.03 10.13 14.66
CA TYR B 350 -1.34 9.02 15.32
C TYR B 350 -2.06 8.52 16.58
N LYS B 351 -3.39 8.43 16.50
CA LYS B 351 -4.23 7.95 17.61
C LYS B 351 -3.88 6.50 18.03
N LYS B 352 -3.81 5.58 17.05
CA LYS B 352 -3.50 4.18 17.34
C LYS B 352 -2.02 3.96 17.74
N TYR B 353 -1.08 4.75 17.18
CA TYR B 353 0.34 4.65 17.54
C TYR B 353 0.53 5.03 19.03
N LEU B 354 -0.11 6.13 19.47
CA LEU B 354 0.04 6.60 20.84
C LEU B 354 -0.53 5.59 21.86
N ALA B 355 -1.68 5.00 21.55
CA ALA B 355 -2.25 3.96 22.43
C ALA B 355 -1.31 2.75 22.53
N LYS B 356 -0.70 2.33 21.40
CA LYS B 356 0.25 1.21 21.40
C LYS B 356 1.52 1.55 22.20
N LEU B 357 2.09 2.73 22.00
CA LEU B 357 3.31 3.13 22.71
C LEU B 357 3.11 3.18 24.24
N ARG B 358 2.00 3.75 24.69
CA ARG B 358 1.73 3.88 26.11
C ARG B 358 1.31 2.57 26.79
N SER B 359 0.95 1.53 26.03
CA SER B 359 0.54 0.24 26.59
C SER B 359 1.59 -0.88 26.52
N ILE B 360 2.53 -0.84 25.55
CA ILE B 360 3.57 -1.87 25.43
C ILE B 360 4.58 -1.83 26.59
N ASN B 361 5.25 -2.98 26.80
CA ASN B 361 6.29 -3.14 27.81
C ASN B 361 7.63 -2.78 27.18
N PRO B 362 8.53 -2.08 27.92
CA PRO B 362 9.85 -1.75 27.34
C PRO B 362 10.73 -2.99 27.10
N PRO B 363 11.77 -2.88 26.27
CA PRO B 363 12.25 -1.67 25.59
C PRO B 363 11.54 -1.38 24.27
N CYS B 364 11.68 -0.14 23.79
CA CYS B 364 11.06 0.31 22.55
C CYS B 364 11.83 1.48 21.93
N VAL B 365 11.61 1.73 20.63
CA VAL B 365 12.18 2.87 19.92
C VAL B 365 10.96 3.66 19.42
N PRO B 366 10.52 4.71 20.13
CA PRO B 366 9.34 5.47 19.64
C PRO B 366 9.55 6.11 18.27
N PHE B 367 8.45 6.43 17.59
CA PHE B 367 8.51 7.09 16.29
C PHE B 367 8.91 8.52 16.55
N PHE B 368 10.06 8.93 16.03
CA PHE B 368 10.66 10.23 16.32
C PHE B 368 10.09 11.42 15.53
N GLY B 369 9.57 11.18 14.34
CA GLY B 369 9.04 12.25 13.50
C GLY B 369 7.83 12.98 14.07
N ILE B 370 6.99 12.29 14.87
CA ILE B 370 5.81 12.92 15.45
C ILE B 370 6.20 14.07 16.38
N TYR B 371 7.34 13.95 17.09
CA TYR B 371 7.81 14.98 18.01
C TYR B 371 8.27 16.19 17.22
N LEU B 372 9.04 15.99 16.14
CA LEU B 372 9.47 17.11 15.29
C LEU B 372 8.24 17.83 14.69
N THR B 373 7.25 17.06 14.20
CA THR B 373 6.02 17.63 13.64
C THR B 373 5.30 18.52 14.70
N ASN B 374 5.01 17.96 15.89
CA ASN B 374 4.31 18.68 16.94
C ASN B 374 5.10 19.86 17.52
N ILE B 375 6.42 19.78 17.49
CA ILE B 375 7.27 20.86 17.99
C ILE B 375 7.25 22.00 16.95
N LEU B 376 7.32 21.69 15.65
CA LEU B 376 7.26 22.71 14.60
C LEU B 376 5.90 23.41 14.59
N LYS B 377 4.82 22.69 14.92
CA LYS B 377 3.48 23.28 14.97
C LYS B 377 3.37 24.25 16.14
N THR B 378 3.98 23.91 17.28
CA THR B 378 3.99 24.78 18.46
C THR B 378 4.89 26.00 18.18
N GLU B 379 6.04 25.80 17.52
CA GLU B 379 6.96 26.88 17.19
C GLU B 379 6.35 27.88 16.20
N GLU B 380 5.52 27.41 15.26
CA GLU B 380 4.88 28.27 14.29
C GLU B 380 3.54 28.86 14.81
N GLY B 381 2.83 28.11 15.63
CA GLY B 381 1.54 28.51 16.16
C GLY B 381 1.56 29.43 17.37
N ASN B 382 2.73 29.70 17.95
CA ASN B 382 2.85 30.58 19.10
C ASN B 382 3.86 31.69 18.83
N PRO B 383 3.61 32.94 19.28
CA PRO B 383 4.58 34.02 19.02
C PRO B 383 5.81 33.93 19.91
N GLU B 384 6.92 34.49 19.44
CA GLU B 384 8.17 34.51 20.20
C GLU B 384 8.07 35.42 21.42
N VAL B 385 7.32 36.54 21.28
CA VAL B 385 7.11 37.51 22.35
C VAL B 385 5.63 37.89 22.49
N LEU B 386 5.27 38.46 23.64
CA LEU B 386 3.96 39.00 23.97
C LEU B 386 4.18 40.49 24.29
N LYS B 387 3.36 41.38 23.72
CA LYS B 387 3.51 42.82 23.97
C LYS B 387 2.54 43.31 25.04
N ARG B 388 3.02 44.19 25.94
CA ARG B 388 2.19 44.78 26.97
C ARG B 388 2.69 46.20 27.29
N HIS B 389 1.85 47.22 27.04
CA HIS B 389 2.18 48.63 27.24
C HIS B 389 3.39 49.05 26.38
N GLY B 390 3.44 48.54 25.15
CA GLY B 390 4.52 48.82 24.21
C GLY B 390 5.81 48.04 24.41
N LYS B 391 5.93 47.29 25.52
CA LYS B 391 7.14 46.52 25.83
C LYS B 391 6.98 45.06 25.40
N GLU B 392 8.04 44.44 24.82
CA GLU B 392 8.02 43.04 24.39
C GLU B 392 8.56 42.12 25.49
N LEU B 393 7.79 41.08 25.83
CA LEU B 393 8.16 40.11 26.86
C LEU B 393 8.31 38.76 26.22
N ILE B 394 9.33 37.99 26.59
CA ILE B 394 9.55 36.65 26.04
C ILE B 394 8.41 35.72 26.45
N ASN B 395 7.76 35.09 25.46
CA ASN B 395 6.67 34.13 25.69
C ASN B 395 7.30 32.85 26.25
N PHE B 396 7.39 32.74 27.58
CA PHE B 396 8.01 31.58 28.19
C PHE B 396 7.10 30.34 28.10
N SER B 397 5.77 30.51 28.14
CA SER B 397 4.87 29.35 28.03
C SER B 397 5.03 28.60 26.71
N LYS B 398 5.46 29.32 25.64
CA LYS B 398 5.78 28.71 24.34
C LYS B 398 6.92 27.71 24.55
N ARG B 399 7.98 28.14 25.25
CA ARG B 399 9.14 27.31 25.57
C ARG B 399 8.76 26.15 26.48
N ARG B 400 7.84 26.39 27.43
CA ARG B 400 7.37 25.35 28.34
C ARG B 400 6.64 24.24 27.55
N LYS B 401 5.80 24.62 26.56
CA LYS B 401 5.08 23.62 25.76
C LYS B 401 6.07 22.76 24.96
N VAL B 402 7.12 23.37 24.40
CA VAL B 402 8.12 22.63 23.64
C VAL B 402 8.91 21.70 24.58
N ALA B 403 9.26 22.20 25.77
CA ALA B 403 9.99 21.42 26.77
C ALA B 403 9.18 20.22 27.27
N GLU B 404 7.84 20.32 27.31
CA GLU B 404 7.00 19.22 27.73
C GLU B 404 7.04 18.10 26.68
N ILE B 405 7.05 18.46 25.37
CA ILE B 405 7.13 17.48 24.29
C ILE B 405 8.50 16.78 24.30
N THR B 406 9.60 17.52 24.52
CA THR B 406 10.92 16.89 24.62
C THR B 406 11.04 16.02 25.89
N GLY B 407 10.20 16.27 26.90
CA GLY B 407 10.11 15.47 28.10
C GLY B 407 9.56 14.09 27.77
N GLU B 408 8.57 14.04 26.84
CA GLU B 408 7.99 12.79 26.34
C GLU B 408 9.07 11.97 25.62
N ILE B 409 10.02 12.62 24.93
CA ILE B 409 11.11 11.96 24.24
C ILE B 409 12.03 11.28 25.28
N GLN B 410 12.42 12.01 26.32
CA GLN B 410 13.33 11.50 27.36
C GLN B 410 12.77 10.31 28.15
N GLN B 411 11.44 10.20 28.32
CA GLN B 411 10.88 9.09 29.12
C GLN B 411 11.09 7.69 28.51
N TYR B 412 11.60 7.61 27.26
CA TYR B 412 11.88 6.37 26.54
C TYR B 412 13.39 6.22 26.17
N GLN B 413 14.27 7.13 26.66
CA GLN B 413 15.71 7.10 26.36
C GLN B 413 16.55 6.21 27.31
N ASN B 414 15.92 5.47 28.25
CA ASN B 414 16.65 4.56 29.15
C ASN B 414 16.07 3.15 28.96
N GLN B 415 16.04 2.70 27.69
CA GLN B 415 15.47 1.42 27.29
C GLN B 415 16.41 0.62 26.36
N PRO B 416 17.53 0.09 26.88
CA PRO B 416 18.44 -0.69 26.04
C PRO B 416 17.88 -2.06 25.65
N TYR B 417 18.36 -2.59 24.52
CA TYR B 417 17.91 -3.89 23.98
C TYR B 417 18.89 -5.03 24.25
N CYS B 418 18.36 -6.20 24.67
CA CYS B 418 19.18 -7.39 24.88
C CYS B 418 19.36 -8.08 23.53
N LEU B 419 20.18 -7.47 22.66
CA LEU B 419 20.48 -7.96 21.32
C LEU B 419 21.96 -7.75 21.07
N ARG B 420 22.62 -8.76 20.49
CA ARG B 420 24.05 -8.72 20.22
C ARG B 420 24.35 -7.87 18.99
N VAL B 421 25.34 -6.98 19.10
CA VAL B 421 25.77 -6.13 18.00
C VAL B 421 26.60 -6.95 17.04
N GLU B 422 26.42 -6.73 15.73
CA GLU B 422 27.18 -7.35 14.66
C GLU B 422 27.78 -6.18 13.90
N SER B 423 29.07 -5.92 14.14
CA SER B 423 29.78 -4.76 13.59
C SER B 423 29.73 -4.63 12.06
N ASP B 424 29.85 -5.75 11.34
CA ASP B 424 29.82 -5.71 9.87
C ASP B 424 28.43 -5.23 9.37
N ILE B 425 27.35 -5.73 9.98
CA ILE B 425 25.99 -5.36 9.58
C ILE B 425 25.66 -3.94 10.06
N LYS B 426 26.15 -3.54 11.24
CA LYS B 426 25.95 -2.19 11.78
C LYS B 426 26.58 -1.17 10.83
N ARG B 427 27.82 -1.46 10.36
CA ARG B 427 28.55 -0.59 9.44
C ARG B 427 27.82 -0.50 8.09
N PHE B 428 27.17 -1.59 7.63
CA PHE B 428 26.44 -1.59 6.37
C PHE B 428 25.29 -0.58 6.41
N PHE B 429 24.49 -0.61 7.49
CA PHE B 429 23.37 0.30 7.65
C PHE B 429 23.78 1.73 8.03
N GLU B 430 24.97 1.91 8.63
CA GLU B 430 25.50 3.25 8.95
C GLU B 430 26.02 3.93 7.67
N ASN B 431 26.64 3.17 6.76
CA ASN B 431 27.20 3.72 5.53
C ASN B 431 26.23 3.71 4.34
N LEU B 432 24.91 3.59 4.57
CA LEU B 432 23.94 3.59 3.47
C LEU B 432 23.97 4.93 2.75
N ASN B 433 24.07 4.90 1.40
CA ASN B 433 24.11 6.10 0.60
C ASN B 433 23.33 5.87 -0.69
N PRO B 434 21.99 5.68 -0.61
CA PRO B 434 21.22 5.42 -1.84
C PRO B 434 21.29 6.53 -2.89
N MET B 435 21.27 7.80 -2.45
CA MET B 435 21.33 8.94 -3.35
C MET B 435 22.65 9.06 -4.11
N GLY B 436 23.75 8.59 -3.53
CA GLY B 436 25.06 8.73 -4.15
C GLY B 436 25.48 10.18 -4.14
N ASN B 437 25.86 10.72 -5.31
CA ASN B 437 26.21 12.15 -5.42
C ASN B 437 24.98 13.02 -5.86
N SER B 438 23.78 12.41 -5.93
CA SER B 438 22.55 13.12 -6.28
C SER B 438 21.94 13.74 -5.03
N MET B 439 21.13 14.79 -5.23
CA MET B 439 20.40 15.45 -4.15
C MET B 439 19.04 14.75 -3.97
N GLU B 440 18.38 14.95 -2.82
CA GLU B 440 17.11 14.26 -2.52
C GLU B 440 16.00 14.48 -3.57
N LYS B 441 15.73 15.74 -3.96
CA LYS B 441 14.70 16.04 -4.96
C LYS B 441 15.00 15.34 -6.30
N GLU B 442 16.27 15.35 -6.71
CA GLU B 442 16.66 14.71 -7.98
C GLU B 442 16.57 13.18 -7.88
N PHE B 443 16.96 12.61 -6.73
CA PHE B 443 16.90 11.16 -6.53
C PHE B 443 15.46 10.65 -6.48
N THR B 444 14.55 11.39 -5.81
CA THR B 444 13.14 11.01 -5.75
C THR B 444 12.47 11.16 -7.13
N ASP B 445 12.94 12.13 -7.96
CA ASP B 445 12.46 12.27 -9.34
C ASP B 445 12.89 11.02 -10.13
N TYR B 446 14.12 10.54 -9.91
CA TYR B 446 14.64 9.32 -10.53
C TYR B 446 13.81 8.09 -10.10
N LEU B 447 13.52 7.95 -8.80
CA LEU B 447 12.76 6.80 -8.31
C LEU B 447 11.35 6.74 -8.91
N PHE B 448 10.70 7.91 -9.06
CA PHE B 448 9.36 7.97 -9.63
C PHE B 448 9.42 7.67 -11.13
N ASN B 449 10.42 8.21 -11.83
CA ASN B 449 10.62 7.94 -13.25
C ASN B 449 10.98 6.46 -13.50
N LYS B 450 11.61 5.78 -12.52
CA LYS B 450 11.90 4.36 -12.63
C LYS B 450 10.59 3.58 -12.43
N SER B 451 9.76 4.00 -11.46
CA SER B 451 8.44 3.43 -11.18
C SER B 451 7.56 3.38 -12.46
N LEU B 452 7.55 4.47 -13.26
CA LEU B 452 6.80 4.53 -14.52
C LEU B 452 7.42 3.62 -15.60
N GLU B 453 8.73 3.38 -15.54
CA GLU B 453 9.40 2.52 -16.49
C GLU B 453 9.00 1.05 -16.24
N ILE B 454 9.17 0.57 -15.00
CA ILE B 454 8.88 -0.81 -14.60
C ILE B 454 7.38 -1.16 -14.65
N GLU B 455 6.47 -0.17 -14.44
CA GLU B 455 5.02 -0.37 -14.46
C GLU B 455 4.37 0.88 -15.09
N PRO B 456 4.29 0.93 -16.43
CA PRO B 456 3.72 2.12 -17.09
C PRO B 456 2.25 2.39 -16.77
N ARG B 457 1.76 3.63 -16.99
CA ARG B 457 0.37 3.98 -16.66
C ARG B 457 -0.64 3.27 -17.58
N ASN B 458 -1.79 2.85 -16.98
CA ASN B 458 -2.90 2.03 -17.50
C ASN B 458 -2.98 1.80 -19.06
N PRO B 459 -3.14 2.84 -19.92
CA PRO B 459 -3.25 2.56 -21.37
C PRO B 459 -2.05 1.80 -21.93
N LYS B 460 -0.85 2.13 -21.44
CA LYS B 460 0.38 1.47 -21.91
C LYS B 460 0.45 0.04 -21.31
N PRO B 461 0.88 -1.02 -22.05
CA PRO B 461 0.96 -2.36 -21.43
C PRO B 461 2.11 -2.52 -20.43
N LEU B 462 2.12 -3.66 -19.69
CA LEU B 462 3.15 -4.00 -18.72
C LEU B 462 4.27 -4.84 -19.39
N PRO B 463 5.45 -4.25 -19.72
CA PRO B 463 6.53 -5.07 -20.31
C PRO B 463 7.18 -6.02 -19.32
N ARG B 464 7.95 -6.97 -19.84
CA ARG B 464 8.68 -7.95 -19.03
C ARG B 464 10.15 -7.52 -18.98
N PHE B 465 10.79 -7.71 -17.81
CA PHE B 465 12.19 -7.34 -17.62
C PHE B 465 13.01 -8.53 -17.15
N PRO B 466 14.32 -8.59 -17.48
CA PRO B 466 15.13 -9.75 -17.04
C PRO B 466 15.46 -9.74 -15.55
N LYS B 467 15.71 -10.92 -14.98
CA LYS B 467 16.07 -11.05 -13.58
C LYS B 467 17.48 -10.53 -13.34
N LYS B 468 17.73 -9.99 -12.14
CA LYS B 468 19.02 -9.45 -11.72
C LYS B 468 19.68 -10.22 -10.57
N TYR B 469 18.91 -11.07 -9.84
CA TYR B 469 19.46 -11.81 -8.70
C TYR B 469 19.82 -13.26 -9.07
N SER B 470 21.09 -13.64 -8.84
CA SER B 470 21.58 -15.00 -9.12
C SER B 470 21.20 -15.98 -8.00
N TYR B 471 21.23 -15.52 -6.75
CA TYR B 471 20.89 -16.33 -5.59
C TYR B 471 19.36 -16.57 -5.45
N PRO B 472 18.89 -17.52 -4.60
CA PRO B 472 17.43 -17.74 -4.48
C PRO B 472 16.73 -16.61 -3.76
N LEU B 473 15.46 -16.39 -4.10
CA LEU B 473 14.64 -15.31 -3.57
C LEU B 473 13.76 -15.73 -2.38
N LYS B 474 13.65 -17.03 -2.07
CA LYS B 474 12.80 -17.48 -0.98
C LYS B 474 13.33 -16.94 0.36
N SER B 475 12.42 -16.50 1.21
CA SER B 475 12.79 -15.95 2.51
C SER B 475 12.95 -17.05 3.53
N PRO B 476 13.91 -16.90 4.46
CA PRO B 476 14.00 -17.87 5.56
C PRO B 476 12.91 -17.68 6.64
N GLY B 477 12.12 -16.61 6.55
CA GLY B 477 11.05 -16.29 7.49
C GLY B 477 11.48 -15.35 8.59
N VAL B 478 10.58 -15.16 9.57
CA VAL B 478 10.77 -14.28 10.73
C VAL B 478 10.73 -15.04 12.08
N ARG B 479 10.48 -16.36 12.05
CA ARG B 479 10.52 -17.19 13.25
C ARG B 479 12.00 -17.53 13.47
N PRO B 480 12.61 -17.20 14.63
CA PRO B 480 14.04 -17.49 14.81
C PRO B 480 14.33 -18.97 15.06
#